data_9J82
#
_entry.id   9J82
#
_cell.length_a   1.00
_cell.length_b   1.00
_cell.length_c   1.00
_cell.angle_alpha   90.00
_cell.angle_beta   90.00
_cell.angle_gamma   90.00
#
_symmetry.space_group_name_H-M   'P 1'
#
loop_
_entity.id
_entity.type
_entity.pdbx_description
1 polymer 'Putative zinc metalloprotease aq_1964'
2 polymer 'VH-CH1 region of mouse monoclonal antibody IgG 4A9'
3 polymer 'L chain of mouse monoclonal antibody IgG 4A9'
4 non-polymer 'ZINC ION'
#
loop_
_entity_poly.entity_id
_entity_poly.type
_entity_poly.pdbx_seq_one_letter_code
_entity_poly.pdbx_strand_id
1 'polypeptide(L)'
;(FME)GLIAFLILIGVLVWVHEFGHFLMAKLFRVKVEIFSIGFGPPIFRRQWGETVYQIAALPLGGYVKLYGEEENVHDP
RAFSTKKPWQKILIALGGPLFNFLFTILVFALVYTAGVEVPKYLKEPVVVGYVQRDSIAQKIGIKPGDKIIKI(SNN)GY
EVRTWEDLRDALIRLSLDGVKETTLFLERNGEVLHLTIKVPNVQKGEELGIAPLVKPVVGGVKKGSPADQVGIKPGDLIL
EVNGKKINTWYELVEEVRKSQGKAIKLKILRNGKMIEKELIPAKDPKTGTYFIGLFPKTETVVEKKPFGEALASAVNRTW
ELTVLTLKTIAGLITGKVSFQTLGGPIAIAQIAGQAAQSGFIPYLVMMAFISLQLGIFNLIPLPILDGGLILLFAIEWLR
GRPLPEKFKEYWQRVGLAIIITLTIFVFINDILRLLRGRGSHHHHHHHH
;
A
2 'polypeptide(L)'
;GSEVKLVESGGGLVQPGGSLRLSCVTSGFTFTDYYMSWVRQPPGKALEWLAFIRNKVNGYTTEYRASVKGRFTISRDSSQ
SILYLQVNTLRAEDSATYYCARDRGGNGVYFDYWGQGTTLTVSSAKTTPPSVYPLAPGSAAQTNSMVTLGCLVKGYFPEP
VTVTWNSGSLSSGVHTFPAVLQSDLYTLSSSVTVPSSTWPSETVTCNVAHPASSTKVDKKIVPRDCGGVAMPGAEDDVV
;
H
3 'polypeptide(L)'
;DIVMTQSHKFMSTSVGDRVSITCKASQDVGTDVAWYQQKPGQSPKLLIYWASIRHTGVPDRFTGSGSGTDFTLTISNVQS
EDLADYFCQQYSSYPLTFGAGTKLELERADAAPTVSIFPPSSEQLTSGGASVVCFLNNFYPKDINVKWKIDGSERQNGVL
NSWTDQDSKDSTYSMSSTLTLTKDEYERHNSYTCEATHKTSTSPIVKSFNRNEC
;
L
#
# COMPACT_ATOMS: atom_id res chain seq x y z
N GLY A 2 -18.69 9.89 29.75
CA GLY A 2 -17.39 10.03 29.13
C GLY A 2 -16.82 11.44 29.23
N LEU A 3 -17.71 12.43 29.11
CA LEU A 3 -17.28 13.82 29.20
C LEU A 3 -16.79 14.15 30.60
N ILE A 4 -17.57 13.79 31.63
CA ILE A 4 -17.14 14.05 33.00
C ILE A 4 -15.94 13.19 33.37
N ALA A 5 -15.83 11.99 32.79
CA ALA A 5 -14.64 11.17 33.02
C ALA A 5 -13.40 11.84 32.46
N PHE A 6 -13.50 12.38 31.24
CA PHE A 6 -12.37 13.12 30.68
C PHE A 6 -12.06 14.35 31.51
N LEU A 7 -13.11 15.02 32.01
CA LEU A 7 -12.92 16.21 32.83
C LEU A 7 -12.14 15.88 34.10
N ILE A 8 -12.54 14.80 34.78
CA ILE A 8 -11.82 14.44 36.01
C ILE A 8 -10.42 13.94 35.69
N LEU A 9 -10.22 13.27 34.55
CA LEU A 9 -8.87 12.85 34.17
C LEU A 9 -7.95 14.04 33.97
N ILE A 10 -8.39 15.03 33.18
CA ILE A 10 -7.54 16.20 32.96
C ILE A 10 -7.38 16.98 34.26
N GLY A 11 -8.42 17.02 35.09
CA GLY A 11 -8.31 17.73 36.36
C GLY A 11 -7.25 17.11 37.27
N VAL A 12 -7.26 15.79 37.40
CA VAL A 12 -6.28 15.14 38.26
C VAL A 12 -4.88 15.23 37.64
N LEU A 13 -4.78 15.20 36.31
CA LEU A 13 -3.47 15.32 35.67
C LEU A 13 -2.86 16.69 35.94
N VAL A 14 -3.64 17.75 35.69
CA VAL A 14 -3.12 19.10 35.95
C VAL A 14 -2.92 19.31 37.44
N TRP A 15 -3.74 18.68 38.28
CA TRP A 15 -3.56 18.75 39.72
C TRP A 15 -2.21 18.17 40.12
N VAL A 16 -1.86 17.01 39.55
CA VAL A 16 -0.57 16.40 39.85
C VAL A 16 0.56 17.30 39.37
N HIS A 17 0.44 17.83 38.15
CA HIS A 17 1.53 18.65 37.60
C HIS A 17 1.75 19.90 38.44
N GLU A 18 0.68 20.65 38.72
CA GLU A 18 0.82 21.85 39.50
C GLU A 18 1.20 21.56 40.94
N PHE A 19 0.76 20.42 41.49
CA PHE A 19 1.14 20.06 42.85
C PHE A 19 2.64 19.79 42.93
N GLY A 20 3.18 19.08 41.94
CA GLY A 20 4.61 18.86 41.90
C GLY A 20 5.38 20.16 41.75
N HIS A 21 4.93 21.02 40.84
CA HIS A 21 5.52 22.36 40.73
C HIS A 21 5.50 23.07 42.09
N PHE A 22 4.40 22.93 42.82
CA PHE A 22 4.23 23.66 44.06
C PHE A 22 5.17 23.16 45.15
N LEU A 23 5.25 21.84 45.34
CA LEU A 23 6.21 21.31 46.31
C LEU A 23 7.65 21.63 45.91
N MET A 24 7.98 21.50 44.63
CA MET A 24 9.35 21.71 44.22
C MET A 24 9.73 23.18 44.44
N ALA A 25 8.81 24.10 44.16
CA ALA A 25 9.04 25.51 44.44
C ALA A 25 9.15 25.76 45.95
N LYS A 26 8.26 25.16 46.74
CA LYS A 26 8.31 25.32 48.19
C LYS A 26 9.65 24.85 48.75
N LEU A 27 10.24 23.85 48.12
CA LEU A 27 11.57 23.39 48.53
C LEU A 27 12.67 24.38 48.20
N PHE A 28 12.35 25.58 47.70
CA PHE A 28 13.38 26.57 47.40
C PHE A 28 12.99 27.97 47.85
N ARG A 29 12.05 28.10 48.79
CA ARG A 29 11.74 29.37 49.46
C ARG A 29 11.28 30.43 48.45
N VAL A 30 10.13 30.16 47.84
CA VAL A 30 9.47 31.11 46.95
C VAL A 30 7.98 31.15 47.30
N LYS A 31 7.42 32.35 47.33
CA LYS A 31 6.02 32.54 47.68
C LYS A 31 5.14 32.31 46.46
N VAL A 32 4.03 31.58 46.66
CA VAL A 32 3.07 31.29 45.60
C VAL A 32 1.82 32.11 45.84
N GLU A 33 1.32 32.76 44.79
CA GLU A 33 0.17 33.65 44.89
C GLU A 33 -1.09 33.05 44.28
N ILE A 34 -1.00 32.53 43.06
CA ILE A 34 -2.16 31.99 42.34
C ILE A 34 -1.91 30.53 42.03
N PHE A 35 -2.94 29.71 42.21
CA PHE A 35 -2.91 28.27 41.99
C PHE A 35 -4.02 27.85 41.02
N SER A 36 -4.11 28.55 39.90
CA SER A 36 -5.21 28.36 38.97
C SER A 36 -5.27 26.92 38.46
N ILE A 37 -6.47 26.35 38.48
CA ILE A 37 -6.71 25.02 37.93
C ILE A 37 -7.61 25.16 36.71
N GLY A 38 -6.99 25.25 35.53
CA GLY A 38 -7.74 25.47 34.31
C GLY A 38 -7.58 26.88 33.79
N PHE A 39 -8.68 27.46 33.30
CA PHE A 39 -8.66 28.82 32.77
C PHE A 39 -10.04 29.43 32.92
N GLY A 40 -10.12 30.73 32.63
CA GLY A 40 -11.37 31.45 32.74
C GLY A 40 -11.59 32.01 34.13
N PRO A 41 -12.79 32.55 34.37
CA PRO A 41 -13.10 33.11 35.69
C PRO A 41 -13.05 32.04 36.76
N PRO A 42 -12.57 32.37 37.97
CA PRO A 42 -12.48 31.37 39.03
C PRO A 42 -13.85 30.90 39.52
N ILE A 43 -14.17 29.62 39.30
CA ILE A 43 -15.47 29.13 39.72
C ILE A 43 -15.55 29.05 41.23
N PHE A 44 -14.43 28.81 41.91
CA PHE A 44 -14.45 28.79 43.38
C PHE A 44 -13.04 28.97 43.90
N ARG A 45 -12.89 29.81 44.92
CA ARG A 45 -11.59 30.11 45.50
C ARG A 45 -11.64 29.97 47.01
N ARG A 46 -10.61 29.35 47.58
CA ARG A 46 -10.42 29.25 49.02
C ARG A 46 -9.01 29.69 49.37
N GLN A 47 -8.88 30.45 50.46
CA GLN A 47 -7.61 31.02 50.87
C GLN A 47 -7.08 30.32 52.10
N TRP A 48 -5.78 29.98 52.08
CA TRP A 48 -5.11 29.39 53.23
C TRP A 48 -3.67 29.90 53.21
N GLY A 49 -3.37 30.86 54.08
CA GLY A 49 -2.06 31.48 54.07
C GLY A 49 -1.81 32.18 52.75
N GLU A 50 -0.60 32.00 52.22
CA GLU A 50 -0.30 32.51 50.89
C GLU A 50 -0.95 31.70 49.78
N THR A 51 -1.46 30.51 50.09
CA THR A 51 -2.05 29.62 49.10
C THR A 51 -3.48 30.08 48.81
N VAL A 52 -3.63 30.88 47.75
CA VAL A 52 -4.96 31.26 47.27
C VAL A 52 -5.35 30.21 46.24
N TYR A 53 -5.86 29.08 46.75
CA TYR A 53 -6.27 28.00 45.87
C TYR A 53 -7.55 28.39 45.17
N GLN A 54 -7.65 28.07 43.88
CA GLN A 54 -8.88 28.34 43.16
C GLN A 54 -9.00 27.43 41.95
N ILE A 55 -10.24 27.20 41.55
CA ILE A 55 -10.57 26.45 40.35
C ILE A 55 -11.41 27.38 39.47
N ALA A 56 -11.06 27.44 38.19
CA ALA A 56 -11.67 28.36 37.25
C ALA A 56 -12.71 27.63 36.40
N ALA A 57 -13.32 28.37 35.47
CA ALA A 57 -14.40 27.82 34.66
C ALA A 57 -13.87 26.84 33.62
N LEU A 58 -13.01 27.31 32.73
CA LEU A 58 -12.50 26.46 31.65
C LEU A 58 -11.44 25.53 32.19
N PRO A 59 -11.63 24.21 32.11
CA PRO A 59 -10.64 23.27 32.66
C PRO A 59 -9.58 22.86 31.65
N LEU A 60 -9.45 23.61 30.55
CA LEU A 60 -8.57 23.20 29.46
C LEU A 60 -7.12 23.09 29.91
N GLY A 61 -6.65 24.06 30.69
CA GLY A 61 -5.25 24.07 31.09
C GLY A 61 -5.01 24.11 32.58
N GLY A 62 -4.31 25.13 33.04
CA GLY A 62 -3.95 25.28 34.44
C GLY A 62 -2.65 26.05 34.58
N TYR A 63 -2.64 27.00 35.51
CA TYR A 63 -1.53 27.93 35.62
C TYR A 63 -1.21 28.18 37.09
N VAL A 64 0.04 28.54 37.36
CA VAL A 64 0.49 28.89 38.71
C VAL A 64 1.24 30.21 38.64
N LYS A 65 1.15 30.99 39.71
CA LYS A 65 1.82 32.28 39.80
C LYS A 65 2.66 32.32 41.07
N LEU A 66 3.89 32.79 40.93
CA LEU A 66 4.83 32.89 42.04
C LEU A 66 5.02 34.36 42.41
N TYR A 67 5.96 34.62 43.31
CA TYR A 67 6.28 35.97 43.75
C TYR A 67 7.62 36.36 43.14
N GLY A 68 7.63 37.45 42.38
CA GLY A 68 8.85 37.95 41.76
C GLY A 68 9.47 37.00 40.76
N GLU A 69 8.65 36.46 39.85
CA GLU A 69 9.15 35.51 38.86
C GLU A 69 10.19 36.17 37.95
N GLU A 70 9.77 37.16 37.18
CA GLU A 70 10.66 37.87 36.28
C GLU A 70 10.85 39.34 36.63
N GLU A 71 10.07 39.87 37.58
CA GLU A 71 10.19 41.25 37.96
C GLU A 71 11.51 41.50 38.69
N ASN A 72 11.99 42.74 38.62
CA ASN A 72 13.24 43.13 39.27
C ASN A 72 13.00 43.37 40.76
N VAL A 73 12.55 42.31 41.43
CA VAL A 73 12.30 42.33 42.87
C VAL A 73 13.42 41.55 43.55
N HIS A 74 14.03 42.18 44.55
CA HIS A 74 15.20 41.61 45.23
C HIS A 74 14.84 40.96 46.56
N ASP A 75 13.57 40.73 46.83
CA ASP A 75 13.17 40.02 48.02
C ASP A 75 13.69 38.58 47.97
N PRO A 76 14.12 38.01 49.10
CA PRO A 76 14.71 36.65 49.06
C PRO A 76 13.78 35.59 48.50
N ARG A 77 12.47 35.71 48.71
CA ARG A 77 11.54 34.72 48.19
C ARG A 77 11.33 34.84 46.69
N ALA A 78 11.85 35.88 46.05
CA ALA A 78 11.62 36.09 44.63
C ALA A 78 12.26 34.98 43.80
N PHE A 79 11.52 34.54 42.77
CA PHE A 79 12.03 33.49 41.89
C PHE A 79 13.24 33.96 41.11
N SER A 80 13.23 35.21 40.65
CA SER A 80 14.35 35.73 39.86
C SER A 80 15.63 35.79 40.68
N THR A 81 15.52 36.02 41.99
CA THR A 81 16.72 36.09 42.83
C THR A 81 17.43 34.74 42.90
N LYS A 82 16.71 33.65 42.71
CA LYS A 82 17.31 32.33 42.82
C LYS A 82 18.24 32.05 41.64
N LYS A 83 19.21 31.17 41.88
CA LYS A 83 20.21 30.85 40.88
C LYS A 83 19.61 30.03 39.74
N PRO A 84 20.23 30.06 38.56
CA PRO A 84 19.66 29.34 37.41
C PRO A 84 19.47 27.84 37.64
N TRP A 85 20.31 27.21 38.47
CA TRP A 85 20.10 25.80 38.78
C TRP A 85 18.75 25.58 39.45
N GLN A 86 18.45 26.41 40.46
CA GLN A 86 17.16 26.28 41.14
C GLN A 86 16.00 26.59 40.20
N LYS A 87 16.16 27.57 39.32
CA LYS A 87 15.12 27.89 38.36
C LYS A 87 14.86 26.72 37.42
N ILE A 88 15.92 26.07 36.95
CA ILE A 88 15.78 24.86 36.15
C ILE A 88 15.04 23.80 36.94
N LEU A 89 15.34 23.69 38.24
CA LEU A 89 14.67 22.70 39.08
C LEU A 89 13.17 22.96 39.15
N ILE A 90 12.78 24.22 39.38
CA ILE A 90 11.34 24.54 39.40
C ILE A 90 10.73 24.26 38.04
N ALA A 91 11.47 24.52 36.97
CA ALA A 91 10.94 24.25 35.63
C ALA A 91 10.67 22.75 35.44
N LEU A 92 11.58 21.90 35.90
CA LEU A 92 11.45 20.47 35.68
C LEU A 92 10.58 19.77 36.71
N GLY A 93 10.19 20.45 37.79
CA GLY A 93 9.44 19.79 38.84
C GLY A 93 8.15 19.14 38.36
N GLY A 94 7.41 19.82 37.50
CA GLY A 94 6.10 19.37 37.08
C GLY A 94 6.09 18.04 36.33
N PRO A 95 6.69 18.03 35.13
CA PRO A 95 6.72 16.79 34.34
C PRO A 95 7.40 15.63 35.06
N LEU A 96 8.35 15.92 35.94
CA LEU A 96 8.94 14.86 36.76
C LEU A 96 7.87 14.22 37.64
N PHE A 97 7.02 15.04 38.26
CA PHE A 97 5.93 14.49 39.06
C PHE A 97 4.94 13.74 38.19
N ASN A 98 4.68 14.23 36.98
CA ASN A 98 3.80 13.50 36.06
C ASN A 98 4.35 12.10 35.78
N PHE A 99 5.65 12.02 35.48
CA PHE A 99 6.26 10.73 35.18
C PHE A 99 6.24 9.81 36.40
N LEU A 100 6.55 10.34 37.58
CA LEU A 100 6.54 9.48 38.76
C LEU A 100 5.13 9.00 39.09
N PHE A 101 4.13 9.86 38.88
CA PHE A 101 2.75 9.42 39.06
C PHE A 101 2.41 8.31 38.09
N THR A 102 2.84 8.44 36.83
CA THR A 102 2.57 7.40 35.85
C THR A 102 3.21 6.08 36.25
N ILE A 103 4.47 6.13 36.67
CA ILE A 103 5.16 4.88 37.02
C ILE A 103 4.54 4.25 38.25
N LEU A 104 4.16 5.07 39.24
CA LEU A 104 3.58 4.48 40.45
C LEU A 104 2.21 3.89 40.18
N VAL A 105 1.39 4.57 39.38
CA VAL A 105 0.07 4.00 39.08
C VAL A 105 0.20 2.74 38.23
N PHE A 106 1.19 2.69 37.34
CA PHE A 106 1.45 1.45 36.62
C PHE A 106 1.85 0.33 37.58
N ALA A 107 2.69 0.65 38.58
CA ALA A 107 3.05 -0.34 39.57
C ALA A 107 1.83 -0.85 40.32
N LEU A 108 0.94 0.06 40.73
CA LEU A 108 -0.25 -0.35 41.47
C LEU A 108 -1.17 -1.23 40.61
N VAL A 109 -1.38 -0.85 39.35
CA VAL A 109 -2.28 -1.62 38.50
C VAL A 109 -1.68 -3.00 38.21
N TYR A 110 -0.36 -3.08 38.06
CA TYR A 110 0.28 -4.38 37.88
C TYR A 110 0.18 -5.22 39.15
N THR A 111 0.27 -4.58 40.31
CA THR A 111 0.14 -5.31 41.57
C THR A 111 -1.27 -5.83 41.79
N ALA A 112 -2.28 -5.05 41.39
CA ALA A 112 -3.66 -5.43 41.64
C ALA A 112 -4.03 -6.71 40.91
N GLY A 113 -3.59 -6.86 39.66
CA GLY A 113 -3.92 -8.04 38.89
C GLY A 113 -4.63 -7.71 37.59
N VAL A 114 -4.21 -8.36 36.51
CA VAL A 114 -4.77 -8.12 35.18
C VAL A 114 -5.31 -9.45 34.65
N GLU A 115 -6.46 -9.37 33.97
CA GLU A 115 -7.10 -10.56 33.39
C GLU A 115 -6.38 -10.91 32.09
N VAL A 116 -5.26 -11.60 32.24
CA VAL A 116 -4.47 -12.05 31.09
C VAL A 116 -5.22 -13.22 30.44
N PRO A 117 -5.30 -13.30 29.12
CA PRO A 117 -5.99 -14.43 28.50
C PRO A 117 -5.38 -15.76 28.92
N LYS A 118 -6.26 -16.72 29.22
CA LYS A 118 -5.81 -18.00 29.77
C LYS A 118 -4.97 -18.78 28.77
N TYR A 119 -5.17 -18.55 27.48
CA TYR A 119 -4.42 -19.30 26.47
C TYR A 119 -2.93 -18.93 26.45
N LEU A 120 -2.54 -17.89 27.18
CA LEU A 120 -1.15 -17.48 27.24
C LEU A 120 -0.31 -18.28 28.22
N LYS A 121 -0.92 -19.18 29.01
CA LYS A 121 -0.21 -19.84 30.09
C LYS A 121 0.00 -21.33 29.87
N GLU A 122 -0.85 -22.01 29.10
CA GLU A 122 -0.65 -23.43 28.85
C GLU A 122 0.49 -23.63 27.85
N PRO A 123 1.06 -24.83 27.80
CA PRO A 123 2.06 -25.12 26.76
C PRO A 123 1.46 -24.98 25.37
N VAL A 124 2.31 -24.58 24.42
CA VAL A 124 1.84 -24.27 23.08
C VAL A 124 1.32 -25.55 22.43
N VAL A 125 0.07 -25.50 21.96
CA VAL A 125 -0.54 -26.57 21.17
C VAL A 125 -1.23 -25.91 19.99
N VAL A 126 -0.87 -26.32 18.78
CA VAL A 126 -1.43 -25.72 17.57
C VAL A 126 -2.80 -26.35 17.33
N GLY A 127 -3.85 -25.69 17.81
CA GLY A 127 -5.19 -26.22 17.59
C GLY A 127 -5.78 -25.89 16.25
N TYR A 128 -5.18 -24.95 15.53
CA TYR A 128 -5.67 -24.54 14.22
C TYR A 128 -4.57 -23.75 13.51
N VAL A 129 -4.47 -23.94 12.20
CA VAL A 129 -3.52 -23.22 11.38
C VAL A 129 -4.30 -22.51 10.27
N GLN A 130 -4.05 -21.21 10.12
CA GLN A 130 -4.74 -20.42 9.10
C GLN A 130 -4.36 -20.94 7.71
N ARG A 131 -5.34 -20.91 6.81
CA ARG A 131 -5.16 -21.49 5.49
C ARG A 131 -4.11 -20.73 4.69
N ASP A 132 -3.19 -21.47 4.08
CA ASP A 132 -2.16 -20.92 3.18
C ASP A 132 -1.37 -19.81 3.86
N SER A 133 -0.96 -20.05 5.10
CA SER A 133 -0.10 -19.14 5.83
C SER A 133 1.28 -19.76 5.98
N ILE A 134 2.16 -19.07 6.71
CA ILE A 134 3.53 -19.53 6.86
C ILE A 134 3.57 -20.89 7.53
N ALA A 135 2.78 -21.08 8.59
CA ALA A 135 2.76 -22.36 9.28
C ALA A 135 2.26 -23.47 8.38
N GLN A 136 1.22 -23.21 7.59
CA GLN A 136 0.77 -24.19 6.62
C GLN A 136 1.81 -24.39 5.53
N LYS A 137 2.45 -23.31 5.08
CA LYS A 137 3.40 -23.40 3.98
C LYS A 137 4.58 -24.30 4.34
N ILE A 138 5.13 -24.14 5.56
CA ILE A 138 6.21 -25.02 5.98
C ILE A 138 5.68 -26.42 6.22
N GLY A 139 4.46 -26.55 6.72
CA GLY A 139 3.85 -27.84 6.93
C GLY A 139 3.50 -28.15 8.36
N ILE A 140 3.20 -27.12 9.15
CA ILE A 140 2.85 -27.30 10.55
C ILE A 140 1.45 -27.86 10.63
N LYS A 141 1.34 -29.16 10.92
CA LYS A 141 0.03 -29.77 11.04
C LYS A 141 -0.64 -29.33 12.33
N PRO A 142 -1.95 -29.15 12.34
CA PRO A 142 -2.66 -28.81 13.58
C PRO A 142 -2.54 -29.95 14.59
N GLY A 143 -2.54 -29.60 15.86
CA GLY A 143 -2.38 -30.56 16.93
C GLY A 143 -0.94 -30.87 17.31
N ASP A 144 0.02 -30.20 16.69
CA ASP A 144 1.43 -30.44 17.00
C ASP A 144 1.84 -29.66 18.24
N LYS A 145 3.08 -29.92 18.68
CA LYS A 145 3.64 -29.27 19.87
C LYS A 145 4.99 -28.67 19.50
N ILE A 146 5.07 -27.35 19.50
CA ILE A 146 6.32 -26.64 19.24
C ILE A 146 7.14 -26.64 20.53
N ILE A 147 8.39 -27.08 20.44
CA ILE A 147 9.18 -27.22 21.66
C ILE A 147 10.42 -26.34 21.64
N LYS A 148 10.92 -25.99 20.46
CA LYS A 148 12.12 -25.15 20.41
C LYS A 148 12.04 -24.17 19.25
N ILE A 149 12.33 -22.90 19.55
CA ILE A 149 12.41 -21.86 18.53
C ILE A 149 13.59 -20.95 18.87
CA GLY A 151 17.78 -20.76 20.63
C GLY A 151 17.06 -20.70 21.96
N TYR A 152 16.12 -19.77 22.07
CA TYR A 152 15.37 -19.59 23.30
C TYR A 152 14.39 -20.74 23.48
N GLU A 153 14.62 -21.56 24.50
CA GLU A 153 13.71 -22.66 24.80
C GLU A 153 12.33 -22.11 25.10
N VAL A 154 11.31 -22.68 24.47
CA VAL A 154 9.94 -22.19 24.57
C VAL A 154 9.09 -23.24 25.27
N ARG A 155 8.30 -22.80 26.24
CA ARG A 155 7.40 -23.67 26.99
C ARG A 155 5.94 -23.27 26.83
N THR A 156 5.64 -21.98 26.99
CA THR A 156 4.28 -21.47 26.88
C THR A 156 4.21 -20.42 25.78
N TRP A 157 2.97 -20.01 25.47
CA TRP A 157 2.76 -19.06 24.39
C TRP A 157 3.44 -17.72 24.66
N GLU A 158 3.55 -17.34 25.93
CA GLU A 158 4.25 -16.09 26.26
C GLU A 158 5.71 -16.16 25.86
N ASP A 159 6.37 -17.29 26.11
CA ASP A 159 7.75 -17.45 25.69
C ASP A 159 7.86 -17.35 24.17
N LEU A 160 6.90 -17.94 23.46
CA LEU A 160 6.92 -17.86 22.00
C LEU A 160 6.78 -16.42 21.53
N ARG A 161 5.87 -15.66 22.14
CA ARG A 161 5.67 -14.27 21.73
C ARG A 161 6.91 -13.44 21.99
N ASP A 162 7.51 -13.59 23.18
CA ASP A 162 8.73 -12.85 23.46
C ASP A 162 9.87 -13.25 22.54
N ALA A 163 10.00 -14.55 22.26
CA ALA A 163 11.05 -15.00 21.36
C ALA A 163 10.88 -14.41 19.96
N LEU A 164 9.64 -14.40 19.46
CA LEU A 164 9.43 -13.91 18.10
C LEU A 164 9.61 -12.39 18.02
N ILE A 165 9.17 -11.65 19.06
CA ILE A 165 9.39 -10.20 19.01
C ILE A 165 10.87 -9.87 19.14
N ARG A 166 11.60 -10.63 19.96
CA ARG A 166 13.04 -10.42 20.07
C ARG A 166 13.74 -10.73 18.75
N LEU A 167 13.33 -11.81 18.08
CA LEU A 167 13.93 -12.14 16.79
C LEU A 167 13.60 -11.07 15.74
N SER A 168 12.38 -10.55 15.76
CA SER A 168 12.02 -9.48 14.85
C SER A 168 12.86 -8.23 15.10
N LEU A 169 13.07 -7.88 16.37
CA LEU A 169 13.92 -6.73 16.68
C LEU A 169 15.35 -6.98 16.25
N ASP A 170 15.84 -8.21 16.39
CA ASP A 170 17.20 -8.54 15.98
C ASP A 170 17.38 -8.53 14.47
N GLY A 171 16.28 -8.47 13.71
CA GLY A 171 16.37 -8.43 12.27
C GLY A 171 16.91 -9.69 11.62
N VAL A 172 16.61 -10.85 12.19
CA VAL A 172 16.99 -12.12 11.59
C VAL A 172 15.86 -12.57 10.67
N LYS A 173 16.19 -13.39 9.68
CA LYS A 173 15.22 -13.83 8.69
C LYS A 173 14.88 -15.32 8.83
N GLU A 174 15.89 -16.19 8.79
CA GLU A 174 15.67 -17.63 8.91
C GLU A 174 15.95 -18.08 10.33
N THR A 175 15.20 -19.08 10.78
CA THR A 175 15.34 -19.58 12.14
C THR A 175 15.04 -21.06 12.16
N THR A 176 15.87 -21.82 12.88
CA THR A 176 15.64 -23.24 13.06
C THR A 176 14.55 -23.47 14.10
N LEU A 177 13.63 -24.39 13.80
CA LEU A 177 12.52 -24.70 14.68
C LEU A 177 12.48 -26.20 14.92
N PHE A 178 12.41 -26.59 16.19
CA PHE A 178 12.28 -28.00 16.58
C PHE A 178 10.85 -28.21 17.04
N LEU A 179 10.10 -28.99 16.27
CA LEU A 179 8.69 -29.25 16.52
C LEU A 179 8.50 -30.70 16.94
N GLU A 180 7.52 -30.93 17.82
CA GLU A 180 7.21 -32.26 18.31
C GLU A 180 5.82 -32.68 17.83
N ARG A 181 5.72 -33.92 17.37
CA ARG A 181 4.43 -34.48 16.95
C ARG A 181 4.53 -35.99 17.09
N ASN A 182 3.82 -36.55 18.07
CA ASN A 182 3.91 -37.97 18.43
C ASN A 182 5.32 -38.37 18.82
N GLY A 183 6.15 -37.38 19.18
CA GLY A 183 7.48 -37.65 19.68
C GLY A 183 8.60 -37.74 18.67
N GLU A 184 8.50 -37.00 17.56
CA GLU A 184 9.63 -36.78 16.67
C GLU A 184 10.00 -35.31 16.69
N VAL A 185 11.28 -35.03 16.89
CA VAL A 185 11.78 -33.66 16.93
C VAL A 185 12.15 -33.29 15.50
N LEU A 186 11.15 -32.82 14.75
CA LEU A 186 11.37 -32.40 13.38
C LEU A 186 12.07 -31.04 13.36
N HIS A 187 13.09 -30.93 12.52
CA HIS A 187 13.85 -29.69 12.37
C HIS A 187 13.43 -29.01 11.08
N LEU A 188 12.94 -27.77 11.18
CA LEU A 188 12.45 -27.03 10.03
C LEU A 188 13.05 -25.63 10.03
N THR A 189 12.93 -24.97 8.89
CA THR A 189 13.38 -23.59 8.72
C THR A 189 12.17 -22.69 8.60
N ILE A 190 12.14 -21.61 9.39
CA ILE A 190 11.01 -20.71 9.45
C ILE A 190 11.49 -19.31 9.13
N LYS A 191 10.78 -18.62 8.24
CA LYS A 191 11.03 -17.22 7.96
C LYS A 191 10.51 -16.38 9.12
N VAL A 192 11.37 -15.54 9.68
CA VAL A 192 10.98 -14.69 10.80
C VAL A 192 10.09 -13.57 10.27
N PRO A 193 8.85 -13.45 10.76
CA PRO A 193 7.99 -12.36 10.32
C PRO A 193 8.30 -11.08 11.08
N ASN A 194 7.92 -9.96 10.48
CA ASN A 194 8.06 -8.65 11.10
C ASN A 194 6.87 -8.39 12.01
N VAL A 195 6.84 -9.13 13.12
CA VAL A 195 5.74 -9.05 14.06
C VAL A 195 5.65 -7.67 14.70
N GLN A 196 6.71 -6.86 14.58
CA GLN A 196 6.66 -5.49 15.08
C GLN A 196 5.55 -4.70 14.41
N LYS A 197 5.37 -4.89 13.09
CA LYS A 197 4.36 -4.17 12.35
C LYS A 197 2.98 -4.83 12.41
N GLY A 198 2.87 -6.06 12.92
CA GLY A 198 1.56 -6.64 13.13
C GLY A 198 1.38 -8.05 12.62
N GLU A 199 2.04 -8.43 11.53
CA GLU A 199 1.84 -9.75 10.95
C GLU A 199 2.32 -10.83 11.91
N GLU A 200 1.61 -11.96 11.92
CA GLU A 200 1.85 -13.02 12.87
C GLU A 200 2.05 -14.34 12.11
N LEU A 201 2.55 -15.33 12.84
CA LEU A 201 2.88 -16.63 12.26
C LEU A 201 1.64 -17.44 11.87
N GLY A 202 0.44 -16.96 12.15
CA GLY A 202 -0.76 -17.69 11.80
C GLY A 202 -0.95 -19.00 12.55
N ILE A 203 -0.67 -19.00 13.85
CA ILE A 203 -0.84 -20.16 14.70
C ILE A 203 -1.97 -19.88 15.68
N ALA A 204 -2.94 -20.79 15.75
CA ALA A 204 -4.08 -20.60 16.63
C ALA A 204 -4.05 -21.61 17.76
N PRO A 205 -4.32 -21.18 18.99
CA PRO A 205 -4.39 -22.11 20.11
C PRO A 205 -5.72 -22.87 20.12
N LEU A 206 -5.72 -23.96 20.88
CA LEU A 206 -6.94 -24.72 21.06
C LEU A 206 -7.94 -23.92 21.90
N VAL A 207 -9.13 -23.72 21.36
CA VAL A 207 -10.19 -22.98 22.04
C VAL A 207 -11.43 -23.86 22.11
N LYS A 208 -12.07 -23.88 23.28
CA LYS A 208 -13.24 -24.72 23.47
C LYS A 208 -14.40 -24.19 22.62
N PRO A 209 -15.18 -25.07 22.01
CA PRO A 209 -16.31 -24.62 21.16
C PRO A 209 -17.53 -24.25 21.99
N VAL A 210 -17.43 -23.14 22.70
CA VAL A 210 -18.50 -22.67 23.57
C VAL A 210 -18.76 -21.20 23.26
N VAL A 211 -20.04 -20.83 23.21
CA VAL A 211 -20.46 -19.49 22.83
C VAL A 211 -20.56 -18.63 24.08
N GLY A 212 -19.98 -17.42 24.01
CA GLY A 212 -20.02 -16.52 25.15
C GLY A 212 -20.87 -15.30 24.92
N GLY A 213 -21.35 -15.10 23.70
CA GLY A 213 -22.16 -13.95 23.39
C GLY A 213 -22.85 -14.09 22.06
N VAL A 214 -23.95 -13.35 21.91
CA VAL A 214 -24.72 -13.31 20.67
C VAL A 214 -25.15 -11.88 20.42
N LYS A 215 -25.01 -11.43 19.17
CA LYS A 215 -25.40 -10.08 18.82
C LYS A 215 -26.91 -9.94 18.87
N LYS A 216 -27.38 -8.84 19.46
CA LYS A 216 -28.81 -8.58 19.55
C LYS A 216 -29.37 -8.30 18.16
N GLY A 217 -30.47 -8.97 17.82
CA GLY A 217 -31.04 -8.87 16.50
C GLY A 217 -30.45 -9.80 15.47
N SER A 218 -29.43 -10.58 15.83
CA SER A 218 -28.85 -11.53 14.90
C SER A 218 -29.82 -12.68 14.66
N PRO A 219 -29.68 -13.39 13.53
CA PRO A 219 -30.54 -14.56 13.31
C PRO A 219 -30.42 -15.60 14.41
N ALA A 220 -29.21 -15.82 14.93
CA ALA A 220 -29.05 -16.72 16.07
C ALA A 220 -29.79 -16.20 17.29
N ASP A 221 -29.78 -14.87 17.49
CA ASP A 221 -30.57 -14.28 18.56
C ASP A 221 -32.05 -14.53 18.38
N GLN A 222 -32.53 -14.42 17.13
CA GLN A 222 -33.94 -14.71 16.85
C GLN A 222 -34.28 -16.16 17.15
N VAL A 223 -33.38 -17.09 16.79
CA VAL A 223 -33.60 -18.49 17.12
C VAL A 223 -33.59 -18.69 18.63
N GLY A 224 -32.66 -18.03 19.32
CA GLY A 224 -32.61 -18.12 20.77
C GLY A 224 -31.35 -18.75 21.32
N ILE A 225 -30.22 -18.54 20.64
CA ILE A 225 -28.94 -19.07 21.10
C ILE A 225 -28.40 -18.11 22.15
N LYS A 226 -28.67 -18.41 23.41
CA LYS A 226 -28.26 -17.52 24.49
C LYS A 226 -26.75 -17.58 24.70
N PRO A 227 -26.15 -16.51 25.22
CA PRO A 227 -24.72 -16.55 25.56
C PRO A 227 -24.46 -17.51 26.71
N GLY A 228 -23.23 -18.02 26.76
CA GLY A 228 -22.83 -18.92 27.80
C GLY A 228 -23.25 -20.36 27.61
N ASP A 229 -23.60 -20.77 26.40
CA ASP A 229 -24.06 -22.12 26.12
C ASP A 229 -23.08 -22.83 25.20
N LEU A 230 -23.14 -24.16 25.21
CA LEU A 230 -22.22 -25.00 24.46
C LEU A 230 -22.94 -25.68 23.30
N ILE A 231 -22.18 -26.00 22.27
CA ILE A 231 -22.70 -26.60 21.03
C ILE A 231 -21.85 -27.81 20.67
N LEU A 232 -22.50 -28.92 20.36
CA LEU A 232 -21.77 -30.09 19.88
C LEU A 232 -21.49 -30.04 18.39
N GLU A 233 -22.54 -30.04 17.57
CA GLU A 233 -22.37 -30.35 16.16
C GLU A 233 -23.07 -29.32 15.28
N VAL A 234 -22.62 -29.25 14.02
CA VAL A 234 -23.24 -28.43 12.99
C VAL A 234 -23.69 -29.38 11.89
N ASN A 235 -25.01 -29.60 11.80
CA ASN A 235 -25.59 -30.49 10.79
C ASN A 235 -24.98 -31.88 10.87
N GLY A 236 -24.72 -32.34 12.09
CA GLY A 236 -24.13 -33.64 12.32
C GLY A 236 -22.62 -33.69 12.26
N LYS A 237 -21.95 -32.58 11.96
CA LYS A 237 -20.51 -32.56 11.87
C LYS A 237 -19.89 -32.41 13.26
N LYS A 238 -18.98 -33.33 13.60
CA LYS A 238 -18.32 -33.30 14.89
C LYS A 238 -17.29 -32.18 14.93
N ILE A 239 -17.37 -31.34 15.95
CA ILE A 239 -16.48 -30.20 16.12
C ILE A 239 -16.06 -30.12 17.58
N ASN A 240 -14.75 -30.00 17.82
CA ASN A 240 -14.21 -29.87 19.16
C ASN A 240 -13.46 -28.56 19.38
N THR A 241 -13.56 -27.61 18.44
CA THR A 241 -12.87 -26.34 18.54
C THR A 241 -13.78 -25.24 18.04
N TRP A 242 -13.78 -24.10 18.73
CA TRP A 242 -14.56 -22.96 18.26
C TRP A 242 -14.04 -22.45 16.92
N TYR A 243 -12.74 -22.62 16.65
CA TYR A 243 -12.23 -22.28 15.33
C TYR A 243 -12.75 -23.26 14.27
N GLU A 244 -13.05 -24.49 14.67
CA GLU A 244 -13.77 -25.38 13.75
C GLU A 244 -15.16 -24.84 13.47
N LEU A 245 -15.81 -24.23 14.47
CA LEU A 245 -17.07 -23.55 14.24
C LEU A 245 -16.91 -22.41 13.24
N VAL A 246 -15.81 -21.65 13.38
CA VAL A 246 -15.54 -20.58 12.43
C VAL A 246 -15.36 -21.13 11.03
N GLU A 247 -14.62 -22.23 10.90
CA GLU A 247 -14.41 -22.83 9.58
C GLU A 247 -15.73 -23.31 9.00
N GLU A 248 -16.59 -23.91 9.83
CA GLU A 248 -17.88 -24.39 9.34
C GLU A 248 -18.77 -23.25 8.87
N VAL A 249 -18.81 -22.15 9.63
CA VAL A 249 -19.64 -21.02 9.19
C VAL A 249 -19.04 -20.36 7.96
N ARG A 250 -17.71 -20.36 7.84
CA ARG A 250 -17.08 -19.82 6.63
C ARG A 250 -17.44 -20.65 5.41
N LYS A 251 -17.40 -21.97 5.54
CA LYS A 251 -17.72 -22.84 4.40
C LYS A 251 -19.22 -22.97 4.17
N SER A 252 -20.05 -22.52 5.11
CA SER A 252 -21.50 -22.57 4.90
C SER A 252 -21.92 -21.71 3.71
N GLN A 253 -21.50 -20.45 3.70
CA GLN A 253 -21.78 -19.51 2.62
C GLN A 253 -23.27 -19.30 2.39
N GLY A 254 -24.11 -19.61 3.37
CA GLY A 254 -25.54 -19.33 3.27
C GLY A 254 -26.46 -20.54 3.29
N LYS A 255 -25.96 -21.76 3.32
CA LYS A 255 -26.85 -22.91 3.31
C LYS A 255 -27.56 -23.05 4.65
N ALA A 256 -28.68 -23.78 4.64
CA ALA A 256 -29.42 -24.05 5.86
C ALA A 256 -28.55 -24.84 6.84
N ILE A 257 -28.56 -24.41 8.10
CA ILE A 257 -27.67 -24.97 9.12
C ILE A 257 -28.51 -25.54 10.24
N LYS A 258 -28.28 -26.80 10.58
CA LYS A 258 -28.97 -27.48 11.67
C LYS A 258 -27.98 -27.69 12.81
N LEU A 259 -27.93 -26.71 13.72
CA LEU A 259 -27.01 -26.76 14.85
C LEU A 259 -27.56 -27.69 15.92
N LYS A 260 -26.79 -28.71 16.29
CA LYS A 260 -27.14 -29.61 17.39
C LYS A 260 -26.38 -29.13 18.63
N ILE A 261 -27.13 -28.55 19.56
CA ILE A 261 -26.58 -27.84 20.71
C ILE A 261 -27.04 -28.52 22.00
N LEU A 262 -26.19 -28.45 23.03
CA LEU A 262 -26.54 -28.94 24.37
C LEU A 262 -26.98 -27.75 25.20
N ARG A 263 -28.30 -27.58 25.34
CA ARG A 263 -28.85 -26.49 26.13
C ARG A 263 -28.75 -26.88 27.60
N ASN A 264 -27.52 -26.82 28.12
CA ASN A 264 -27.21 -27.17 29.50
C ASN A 264 -27.67 -28.58 29.84
N GLY A 265 -27.63 -29.49 28.87
CA GLY A 265 -27.99 -30.88 29.10
C GLY A 265 -28.98 -31.47 28.12
N LYS A 266 -29.65 -30.67 27.29
CA LYS A 266 -30.65 -31.18 26.36
C LYS A 266 -30.23 -30.91 24.92
N MET A 267 -30.57 -31.85 24.05
CA MET A 267 -30.22 -31.81 22.63
C MET A 267 -31.26 -30.99 21.88
N ILE A 268 -30.82 -29.91 21.22
CA ILE A 268 -31.71 -29.09 20.39
C ILE A 268 -31.13 -28.98 18.99
N GLU A 269 -31.98 -29.20 17.99
CA GLU A 269 -31.61 -29.06 16.58
C GLU A 269 -32.23 -27.76 16.08
N LYS A 270 -31.45 -26.69 16.10
CA LYS A 270 -31.93 -25.38 15.71
C LYS A 270 -31.59 -25.10 14.25
N GLU A 271 -32.56 -24.56 13.52
CA GLU A 271 -32.41 -24.25 12.11
C GLU A 271 -32.06 -22.78 11.94
N LEU A 272 -31.03 -22.50 11.13
CA LEU A 272 -30.56 -21.14 10.92
C LEU A 272 -30.18 -20.94 9.46
N ILE A 273 -30.29 -19.69 9.02
CA ILE A 273 -29.92 -19.31 7.66
C ILE A 273 -28.84 -18.23 7.73
N PRO A 274 -27.56 -18.59 7.73
CA PRO A 274 -26.48 -17.59 7.71
C PRO A 274 -26.12 -17.19 6.29
N ALA A 275 -27.04 -16.49 5.64
CA ALA A 275 -26.90 -16.16 4.22
C ALA A 275 -25.84 -15.06 4.05
N LYS A 276 -25.71 -14.55 2.84
CA LYS A 276 -24.75 -13.49 2.55
C LYS A 276 -25.30 -12.17 3.08
N ASP A 277 -24.71 -11.67 4.16
CA ASP A 277 -25.20 -10.46 4.79
C ASP A 277 -25.02 -9.27 3.86
N PRO A 278 -26.03 -8.42 3.69
CA PRO A 278 -25.89 -7.27 2.78
C PRO A 278 -24.80 -6.30 3.19
N LYS A 279 -24.39 -6.31 4.47
CA LYS A 279 -23.34 -5.39 4.91
C LYS A 279 -22.02 -5.71 4.23
N THR A 280 -21.68 -6.99 4.10
CA THR A 280 -20.41 -7.39 3.49
C THR A 280 -20.54 -8.53 2.48
N GLY A 281 -21.76 -8.97 2.16
CA GLY A 281 -21.91 -10.10 1.25
C GLY A 281 -21.30 -11.38 1.78
N THR A 282 -21.48 -11.64 3.07
CA THR A 282 -20.87 -12.80 3.72
C THR A 282 -21.85 -13.40 4.72
N TYR A 283 -21.50 -14.60 5.18
CA TYR A 283 -22.29 -15.29 6.20
C TYR A 283 -22.42 -14.43 7.46
N PHE A 284 -23.64 -14.35 7.98
CA PHE A 284 -23.91 -13.58 9.19
C PHE A 284 -24.59 -14.48 10.22
N ILE A 285 -24.03 -14.52 11.42
CA ILE A 285 -24.66 -15.22 12.54
C ILE A 285 -24.77 -14.35 13.79
N GLY A 286 -23.96 -13.31 13.95
CA GLY A 286 -24.03 -12.45 15.11
C GLY A 286 -23.79 -13.18 16.41
N LEU A 287 -22.76 -14.01 16.45
CA LEU A 287 -22.47 -14.86 17.60
C LEU A 287 -21.02 -14.65 18.02
N PHE A 288 -20.79 -14.74 19.33
CA PHE A 288 -19.49 -14.39 19.89
C PHE A 288 -18.90 -15.55 20.68
N PRO A 289 -17.58 -15.73 20.62
CA PRO A 289 -16.96 -16.82 21.38
C PRO A 289 -16.90 -16.52 22.86
N LYS A 290 -16.73 -17.59 23.64
CA LYS A 290 -16.58 -17.48 25.09
C LYS A 290 -15.10 -17.30 25.39
N THR A 291 -14.68 -16.05 25.59
CA THR A 291 -13.30 -15.77 25.94
C THR A 291 -13.07 -16.11 27.41
N GLU A 292 -12.01 -16.86 27.68
CA GLU A 292 -11.67 -17.29 29.02
C GLU A 292 -10.30 -16.75 29.39
N THR A 293 -10.22 -16.08 30.54
CA THR A 293 -8.97 -15.48 30.99
C THR A 293 -8.63 -15.93 32.40
N VAL A 294 -7.60 -15.32 32.98
CA VAL A 294 -7.17 -15.61 34.34
C VAL A 294 -6.54 -14.34 34.92
N VAL A 295 -6.87 -14.04 36.16
CA VAL A 295 -6.35 -12.85 36.82
C VAL A 295 -4.95 -13.16 37.35
N GLU A 296 -3.98 -12.34 36.99
CA GLU A 296 -2.60 -12.47 37.43
C GLU A 296 -2.28 -11.33 38.38
N LYS A 297 -1.76 -11.66 39.55
CA LYS A 297 -1.35 -10.69 40.56
C LYS A 297 0.15 -10.77 40.73
N LYS A 298 0.82 -9.61 40.68
CA LYS A 298 2.26 -9.55 40.79
C LYS A 298 2.67 -9.00 42.14
N PRO A 299 3.71 -9.56 42.77
CA PRO A 299 4.22 -8.97 44.02
C PRO A 299 4.76 -7.56 43.77
N PHE A 300 4.90 -6.82 44.87
CA PHE A 300 5.14 -5.38 44.77
C PHE A 300 6.45 -5.06 44.05
N GLY A 301 7.53 -5.77 44.40
CA GLY A 301 8.81 -5.47 43.77
C GLY A 301 8.82 -5.79 42.29
N GLU A 302 8.31 -6.96 41.92
CA GLU A 302 8.27 -7.33 40.51
C GLU A 302 7.30 -6.44 39.73
N ALA A 303 6.19 -6.07 40.36
CA ALA A 303 5.27 -5.14 39.72
C ALA A 303 5.94 -3.78 39.47
N LEU A 304 6.71 -3.30 40.45
CA LEU A 304 7.43 -2.05 40.27
C LEU A 304 8.45 -2.16 39.14
N ALA A 305 9.19 -3.27 39.09
CA ALA A 305 10.18 -3.45 38.03
C ALA A 305 9.51 -3.50 36.65
N SER A 306 8.40 -4.23 36.54
CA SER A 306 7.68 -4.32 35.28
C SER A 306 7.15 -2.96 34.85
N ALA A 307 6.60 -2.19 35.80
CA ALA A 307 6.16 -0.85 35.49
C ALA A 307 7.34 0.01 35.02
N VAL A 308 8.50 -0.16 35.65
CA VAL A 308 9.66 0.65 35.29
C VAL A 308 10.08 0.40 33.86
N ASN A 309 10.25 -0.88 33.48
CA ASN A 309 10.76 -1.09 32.12
C ASN A 309 9.68 -0.85 31.08
N ARG A 310 8.40 -1.09 31.41
CA ARG A 310 7.33 -0.72 30.49
C ARG A 310 7.29 0.78 30.27
N THR A 311 7.50 1.55 31.34
CA THR A 311 7.56 3.00 31.21
C THR A 311 8.72 3.41 30.33
N TRP A 312 9.90 2.81 30.55
CA TRP A 312 11.04 3.11 29.68
C TRP A 312 10.70 2.80 28.23
N GLU A 313 10.03 1.66 28.00
CA GLU A 313 9.71 1.23 26.64
C GLU A 313 8.81 2.24 25.93
N LEU A 314 7.68 2.59 26.56
CA LEU A 314 6.75 3.42 25.80
C LEU A 314 7.19 4.88 25.80
N THR A 315 8.04 5.27 26.76
CA THR A 315 8.66 6.59 26.67
C THR A 315 9.63 6.67 25.50
N VAL A 316 10.41 5.61 25.28
CA VAL A 316 11.26 5.55 24.10
C VAL A 316 10.41 5.57 22.84
N LEU A 317 9.27 4.86 22.86
CA LEU A 317 8.38 4.87 21.71
C LEU A 317 7.84 6.27 21.42
N THR A 318 7.45 6.99 22.48
CA THR A 318 6.95 8.36 22.29
C THR A 318 8.06 9.27 21.79
N LEU A 319 9.29 9.07 22.27
CA LEU A 319 10.42 9.85 21.76
C LEU A 319 10.64 9.59 20.28
N LYS A 320 10.54 8.33 19.87
CA LYS A 320 10.70 7.99 18.45
C LYS A 320 9.59 8.61 17.62
N THR A 321 8.35 8.60 18.13
CA THR A 321 7.26 9.22 17.40
C THR A 321 7.46 10.72 17.28
N ILE A 322 7.96 11.36 18.35
CA ILE A 322 8.25 12.78 18.31
C ILE A 322 9.31 13.09 17.27
N ALA A 323 10.37 12.28 17.24
CA ALA A 323 11.42 12.47 16.25
C ALA A 323 10.88 12.28 14.83
N GLY A 324 9.99 11.31 14.66
CA GLY A 324 9.41 11.10 13.33
C GLY A 324 8.54 12.25 12.88
N LEU A 325 7.69 12.76 13.76
CA LEU A 325 6.80 13.85 13.37
C LEU A 325 7.56 15.16 13.19
N ILE A 326 8.60 15.39 13.99
CA ILE A 326 9.41 16.59 13.82
C ILE A 326 10.21 16.53 12.53
N THR A 327 10.41 15.33 11.97
CA THR A 327 11.08 15.15 10.70
C THR A 327 10.11 14.92 9.55
N GLY A 328 8.81 15.01 9.80
CA GLY A 328 7.82 14.81 8.75
C GLY A 328 7.53 13.37 8.39
N LYS A 329 8.04 12.41 9.16
CA LYS A 329 7.79 11.00 8.86
C LYS A 329 6.31 10.66 8.96
N VAL A 330 5.64 11.15 10.01
CA VAL A 330 4.25 10.84 10.28
C VAL A 330 3.45 12.13 10.25
N SER A 331 2.27 12.08 9.62
CA SER A 331 1.42 13.26 9.52
C SER A 331 0.96 13.72 10.90
N PHE A 332 0.72 15.02 11.02
CA PHE A 332 0.36 15.63 12.29
C PHE A 332 -1.05 15.27 12.75
N GLN A 333 -1.85 14.63 11.90
CA GLN A 333 -3.23 14.32 12.24
C GLN A 333 -3.36 13.22 13.28
N THR A 334 -2.27 12.53 13.62
CA THR A 334 -2.32 11.41 14.55
C THR A 334 -2.18 11.85 16.01
N LEU A 335 -2.06 13.14 16.28
CA LEU A 335 -1.91 13.60 17.65
C LEU A 335 -3.23 13.46 18.41
N GLY A 336 -3.13 13.52 19.74
CA GLY A 336 -4.30 13.40 20.60
C GLY A 336 -4.75 14.73 21.17
N GLY A 337 -5.89 15.24 20.69
CA GLY A 337 -6.45 16.47 21.19
C GLY A 337 -7.38 16.23 22.35
N PRO A 338 -7.92 17.31 22.93
CA PRO A 338 -8.86 17.15 24.04
C PRO A 338 -10.08 16.32 23.70
N ILE A 339 -10.63 16.48 22.49
CA ILE A 339 -11.79 15.70 22.08
C ILE A 339 -11.40 14.25 21.85
N ALA A 340 -10.22 14.01 21.27
CA ALA A 340 -9.77 12.64 21.05
C ALA A 340 -9.57 11.91 22.37
N ILE A 341 -8.91 12.56 23.33
CA ILE A 341 -8.72 11.92 24.62
C ILE A 341 -10.05 11.78 25.36
N ALA A 342 -10.98 12.72 25.15
CA ALA A 342 -12.30 12.58 25.75
C ALA A 342 -13.03 11.35 25.20
N GLN A 343 -12.96 11.13 23.89
CA GLN A 343 -13.65 9.98 23.31
C GLN A 343 -12.97 8.67 23.69
N ILE A 344 -11.64 8.67 23.81
CA ILE A 344 -10.99 7.45 24.28
C ILE A 344 -11.29 7.22 25.76
N ALA A 345 -11.49 8.29 26.53
CA ALA A 345 -11.93 8.15 27.92
C ALA A 345 -13.32 7.56 28.00
N GLY A 346 -14.22 7.99 27.11
CA GLY A 346 -15.54 7.36 27.05
C GLY A 346 -15.47 5.90 26.67
N GLN A 347 -14.60 5.56 25.72
CA GLN A 347 -14.41 4.16 25.35
C GLN A 347 -13.90 3.36 26.55
N ALA A 348 -12.96 3.91 27.30
CA ALA A 348 -12.50 3.25 28.52
C ALA A 348 -13.62 3.14 29.56
N ALA A 349 -14.49 4.16 29.64
CA ALA A 349 -15.62 4.10 30.55
C ALA A 349 -16.52 2.93 30.22
N GLN A 350 -16.77 2.72 28.93
CA GLN A 350 -17.46 1.50 28.52
C GLN A 350 -16.60 0.25 28.68
N SER A 351 -15.29 0.40 28.82
CA SER A 351 -14.40 -0.76 28.87
C SER A 351 -14.31 -1.37 30.27
N GLY A 352 -13.78 -0.62 31.23
CA GLY A 352 -13.59 -1.17 32.56
C GLY A 352 -12.65 -0.31 33.39
N PHE A 353 -12.28 -0.86 34.55
CA PHE A 353 -11.51 -0.12 35.55
C PHE A 353 -10.02 -0.10 35.23
N ILE A 354 -9.44 -1.28 35.00
CA ILE A 354 -8.06 -1.40 34.54
C ILE A 354 -7.89 -0.55 33.29
N PRO A 355 -8.87 -0.51 32.37
CA PRO A 355 -8.80 0.50 31.31
C PRO A 355 -8.65 1.92 31.81
N TYR A 356 -9.42 2.34 32.83
CA TYR A 356 -9.25 3.68 33.37
C TYR A 356 -7.80 3.89 33.77
N LEU A 357 -7.27 2.98 34.56
CA LEU A 357 -5.91 3.15 35.07
C LEU A 357 -4.89 3.22 33.93
N VAL A 358 -5.01 2.32 32.95
CA VAL A 358 -3.98 2.22 31.92
C VAL A 358 -4.00 3.46 31.01
N MET A 359 -5.19 3.88 30.54
CA MET A 359 -5.12 5.01 29.63
C MET A 359 -4.93 6.31 30.38
N MET A 360 -5.29 6.38 31.68
CA MET A 360 -4.93 7.53 32.47
C MET A 360 -3.42 7.67 32.59
N ALA A 361 -2.74 6.56 32.87
CA ALA A 361 -1.28 6.59 32.88
C ALA A 361 -0.73 6.99 31.52
N PHE A 362 -1.35 6.49 30.44
CA PHE A 362 -0.86 6.81 29.11
C PHE A 362 -0.99 8.30 28.81
N ILE A 363 -2.15 8.90 29.09
CA ILE A 363 -2.28 10.33 28.80
C ILE A 363 -1.37 11.13 29.71
N SER A 364 -1.20 10.69 30.96
CA SER A 364 -0.31 11.40 31.87
C SER A 364 1.12 11.43 31.33
N LEU A 365 1.63 10.28 30.89
CA LEU A 365 2.98 10.25 30.35
C LEU A 365 3.09 11.02 29.05
N GLN A 366 2.04 10.96 28.21
CA GLN A 366 2.07 11.71 26.96
C GLN A 366 2.12 13.21 27.23
N LEU A 367 1.32 13.69 28.18
CA LEU A 367 1.34 15.11 28.53
C LEU A 367 2.68 15.50 29.14
N GLY A 368 3.25 14.64 29.98
CA GLY A 368 4.56 14.92 30.54
C GLY A 368 5.62 15.04 29.47
N ILE A 369 5.58 14.15 28.47
CA ILE A 369 6.52 14.23 27.36
C ILE A 369 6.29 15.52 26.57
N PHE A 370 5.03 15.86 26.31
CA PHE A 370 4.72 17.10 25.60
C PHE A 370 5.25 18.32 26.35
N ASN A 371 5.31 18.24 27.67
CA ASN A 371 5.79 19.34 28.49
C ASN A 371 7.33 19.44 28.52
N LEU A 372 8.03 18.74 27.63
CA LEU A 372 9.49 18.80 27.59
C LEU A 372 10.06 19.30 26.26
N ILE A 373 9.33 19.17 25.16
CA ILE A 373 9.84 19.55 23.85
C ILE A 373 10.10 21.06 23.85
N PRO A 374 11.19 21.54 23.26
CA PRO A 374 11.51 22.98 23.36
C PRO A 374 10.55 23.84 22.55
N LEU A 375 9.61 24.49 23.25
CA LEU A 375 8.63 25.41 22.69
C LEU A 375 8.44 26.59 23.64
N PRO A 376 8.37 27.82 23.13
CA PRO A 376 8.16 28.97 24.02
C PRO A 376 6.81 28.91 24.71
N ILE A 377 6.77 29.46 25.93
CA ILE A 377 5.60 29.44 26.80
C ILE A 377 5.09 28.01 26.95
N LEU A 378 6.01 27.09 27.19
CA LEU A 378 5.69 25.72 27.54
C LEU A 378 6.63 25.28 28.65
N ASP A 379 6.22 24.27 29.41
CA ASP A 379 7.04 23.72 30.48
C ASP A 379 8.43 23.35 29.99
N GLY A 380 8.58 23.17 28.68
CA GLY A 380 9.88 22.87 28.09
C GLY A 380 10.55 24.05 27.42
N GLY A 381 10.09 25.26 27.72
CA GLY A 381 10.71 26.46 27.17
C GLY A 381 11.50 27.26 28.19
N LEU A 382 10.97 27.35 29.41
CA LEU A 382 11.70 28.06 30.45
C LEU A 382 12.97 27.33 30.83
N ILE A 383 13.03 26.02 30.61
CA ILE A 383 14.31 25.31 30.76
C ILE A 383 15.33 25.86 29.78
N LEU A 384 14.93 26.08 28.53
CA LEU A 384 15.82 26.69 27.56
C LEU A 384 16.24 28.08 28.00
N LEU A 385 15.28 28.88 28.49
CA LEU A 385 15.60 30.23 28.95
C LEU A 385 16.64 30.19 30.06
N PHE A 386 16.43 29.35 31.07
CA PHE A 386 17.35 29.29 32.20
C PHE A 386 18.71 28.77 31.77
N ALA A 387 18.74 27.78 30.88
CA ALA A 387 20.00 27.22 30.41
C ALA A 387 20.82 28.27 29.66
N ILE A 388 20.17 29.01 28.75
CA ILE A 388 20.90 30.01 27.98
C ILE A 388 21.35 31.16 28.87
N GLU A 389 20.51 31.55 29.85
CA GLU A 389 20.92 32.59 30.79
C GLU A 389 22.11 32.15 31.62
N TRP A 390 22.11 30.89 32.06
CA TRP A 390 23.22 30.39 32.89
C TRP A 390 24.51 30.32 32.09
N LEU A 391 24.44 29.75 30.87
CA LEU A 391 25.66 29.62 30.09
C LEU A 391 26.18 30.96 29.61
N ARG A 392 25.29 31.91 29.28
CA ARG A 392 25.72 33.23 28.86
C ARG A 392 26.05 34.13 30.05
N GLY A 393 25.50 33.85 31.23
CA GLY A 393 25.83 34.59 32.43
C GLY A 393 25.08 35.89 32.64
N ARG A 394 24.18 36.26 31.73
CA ARG A 394 23.41 37.48 31.87
C ARG A 394 21.95 37.21 31.53
N PRO A 395 21.03 37.97 32.11
CA PRO A 395 19.60 37.78 31.80
C PRO A 395 19.28 38.19 30.38
N LEU A 396 18.25 37.57 29.83
CA LEU A 396 17.80 37.90 28.48
C LEU A 396 17.28 39.34 28.45
N PRO A 397 17.51 40.09 27.37
CA PRO A 397 17.01 41.46 27.30
C PRO A 397 15.49 41.51 27.44
N GLU A 398 15.01 42.58 28.10
CA GLU A 398 13.59 42.70 28.39
C GLU A 398 12.76 42.76 27.12
N LYS A 399 13.20 43.53 26.14
CA LYS A 399 12.50 43.56 24.86
C LYS A 399 12.53 42.19 24.19
N PHE A 400 13.69 41.53 24.23
CA PHE A 400 13.78 40.18 23.71
C PHE A 400 12.91 39.21 24.50
N LYS A 401 12.82 39.41 25.82
CA LYS A 401 11.93 38.58 26.63
C LYS A 401 10.47 38.75 26.21
N GLU A 402 10.06 40.00 25.99
CA GLU A 402 8.68 40.25 25.58
C GLU A 402 8.39 39.68 24.20
N TYR A 403 9.34 39.81 23.26
CA TYR A 403 9.15 39.22 21.95
C TYR A 403 9.10 37.69 22.04
N TRP A 404 9.95 37.10 22.87
CA TRP A 404 9.92 35.67 23.13
C TRP A 404 8.52 35.25 23.59
N GLN A 405 8.00 35.95 24.59
CA GLN A 405 6.68 35.62 25.12
C GLN A 405 5.59 35.79 24.07
N ARG A 406 5.68 36.86 23.27
CA ARG A 406 4.65 37.12 22.28
C ARG A 406 4.63 36.06 21.20
N VAL A 407 5.80 35.70 20.66
CA VAL A 407 5.85 34.66 19.64
C VAL A 407 5.45 33.31 20.22
N GLY A 408 5.78 33.06 21.48
CA GLY A 408 5.34 31.83 22.11
C GLY A 408 3.84 31.75 22.22
N LEU A 409 3.21 32.84 22.67
CA LEU A 409 1.76 32.88 22.75
C LEU A 409 1.14 32.67 21.38
N ALA A 410 1.69 33.34 20.36
CA ALA A 410 1.17 33.18 19.01
C ALA A 410 1.24 31.72 18.56
N ILE A 411 2.42 31.10 18.69
CA ILE A 411 2.59 29.75 18.16
C ILE A 411 1.74 28.75 18.94
N ILE A 412 1.58 28.95 20.25
CA ILE A 412 0.75 28.02 21.01
C ILE A 412 -0.71 28.19 20.60
N ILE A 413 -1.16 29.42 20.35
CA ILE A 413 -2.53 29.60 19.87
C ILE A 413 -2.73 28.88 18.54
N THR A 414 -1.79 29.04 17.61
CA THR A 414 -1.93 28.35 16.33
C THR A 414 -1.96 26.84 16.50
N LEU A 415 -1.13 26.30 17.39
CA LEU A 415 -1.17 24.85 17.57
C LEU A 415 -2.48 24.39 18.20
N THR A 416 -3.06 25.17 19.11
CA THR A 416 -4.38 24.80 19.63
C THR A 416 -5.43 24.81 18.53
N ILE A 417 -5.45 25.83 17.66
CA ILE A 417 -6.44 25.80 16.58
C ILE A 417 -6.19 24.62 15.66
N PHE A 418 -4.92 24.27 15.42
CA PHE A 418 -4.61 23.13 14.57
C PHE A 418 -5.13 21.83 15.17
N VAL A 419 -4.91 21.64 16.48
CA VAL A 419 -5.41 20.42 17.10
C VAL A 419 -6.93 20.43 17.16
N PHE A 420 -7.56 21.60 17.30
CA PHE A 420 -9.01 21.66 17.28
C PHE A 420 -9.58 21.21 15.94
N ILE A 421 -9.00 21.73 14.84
CA ILE A 421 -9.51 21.34 13.53
C ILE A 421 -9.20 19.87 13.25
N ASN A 422 -8.05 19.37 13.72
CA ASN A 422 -7.77 17.94 13.57
C ASN A 422 -8.77 17.09 14.34
N ASP A 423 -9.13 17.51 15.55
CA ASP A 423 -10.14 16.78 16.32
C ASP A 423 -11.50 16.82 15.64
N ILE A 424 -11.86 17.96 15.06
CA ILE A 424 -13.11 18.04 14.31
C ILE A 424 -13.10 17.08 13.12
N LEU A 425 -11.97 17.04 12.41
CA LEU A 425 -11.84 16.10 11.29
C LEU A 425 -11.98 14.66 11.76
N ARG A 426 -11.36 14.32 12.90
CA ARG A 426 -11.50 12.98 13.44
C ARG A 426 -12.95 12.69 13.83
N LEU A 427 -13.64 13.69 14.40
CA LEU A 427 -15.05 13.53 14.72
C LEU A 427 -15.89 13.28 13.47
N LEU A 428 -15.51 13.88 12.35
CA LEU A 428 -16.24 13.67 11.11
C LEU A 428 -16.22 12.20 10.70
N ARG A 429 -15.06 11.55 10.82
CA ARG A 429 -14.93 10.14 10.48
C ARG A 429 -15.26 9.27 11.68
N GLY B 1 24.25 -18.95 -3.51
CA GLY B 1 24.77 -19.25 -4.84
C GLY B 1 24.14 -18.42 -5.93
N SER B 2 23.73 -19.08 -7.01
CA SER B 2 23.07 -18.38 -8.10
C SER B 2 21.76 -17.77 -7.64
N GLU B 3 21.46 -16.58 -8.16
CA GLU B 3 20.22 -15.90 -7.79
C GLU B 3 19.03 -16.62 -8.40
N VAL B 4 17.84 -16.31 -7.86
CA VAL B 4 16.62 -16.90 -8.37
C VAL B 4 16.51 -16.60 -9.86
N LYS B 5 16.20 -17.63 -10.65
CA LYS B 5 16.09 -17.44 -12.09
C LYS B 5 15.02 -18.37 -12.63
N LEU B 6 14.17 -17.83 -13.50
CA LEU B 6 13.10 -18.57 -14.14
C LEU B 6 13.08 -18.24 -15.62
N VAL B 7 12.99 -19.26 -16.47
CA VAL B 7 13.01 -19.08 -17.92
C VAL B 7 11.86 -19.92 -18.51
N GLU B 8 10.94 -19.24 -19.18
CA GLU B 8 9.78 -19.87 -19.79
C GLU B 8 10.03 -20.17 -21.26
N SER B 9 9.41 -21.26 -21.72
CA SER B 9 9.47 -21.67 -23.11
C SER B 9 8.14 -22.26 -23.52
N GLY B 10 7.95 -22.39 -24.84
CA GLY B 10 6.76 -22.99 -25.40
C GLY B 10 5.84 -22.03 -26.11
N GLY B 11 6.11 -20.72 -26.06
CA GLY B 11 5.27 -19.75 -26.72
C GLY B 11 5.45 -19.78 -28.23
N GLY B 12 4.66 -18.95 -28.90
CA GLY B 12 4.71 -18.84 -30.33
C GLY B 12 3.31 -18.72 -30.90
N LEU B 13 3.19 -19.03 -32.18
CA LEU B 13 1.92 -18.94 -32.90
C LEU B 13 1.26 -20.32 -32.96
N VAL B 14 -0.01 -20.38 -32.57
CA VAL B 14 -0.78 -21.62 -32.55
C VAL B 14 -2.19 -21.34 -33.07
N GLN B 15 -2.70 -22.25 -33.89
CA GLN B 15 -4.03 -22.07 -34.47
C GLN B 15 -5.10 -22.31 -33.41
N PRO B 16 -6.28 -21.71 -33.57
CA PRO B 16 -7.37 -21.92 -32.61
C PRO B 16 -7.79 -23.38 -32.54
N GLY B 17 -8.24 -23.78 -31.36
CA GLY B 17 -8.67 -25.15 -31.13
C GLY B 17 -7.55 -26.14 -30.89
N GLY B 18 -6.31 -25.70 -30.83
CA GLY B 18 -5.18 -26.58 -30.63
C GLY B 18 -4.82 -26.72 -29.16
N SER B 19 -3.72 -27.43 -28.92
CA SER B 19 -3.23 -27.68 -27.57
C SER B 19 -1.71 -27.57 -27.59
N LEU B 20 -1.16 -27.26 -26.42
CA LEU B 20 0.30 -27.17 -26.27
C LEU B 20 0.62 -27.17 -24.77
N ARG B 21 1.91 -27.27 -24.48
CA ARG B 21 2.38 -27.26 -23.10
C ARG B 21 3.47 -26.20 -22.96
N LEU B 22 3.32 -25.33 -21.98
CA LEU B 22 4.35 -24.35 -21.66
C LEU B 22 5.23 -24.89 -20.55
N SER B 23 6.49 -24.45 -20.56
CA SER B 23 7.48 -24.93 -19.61
C SER B 23 8.13 -23.75 -18.90
N CYS B 24 8.55 -24.00 -17.66
CA CYS B 24 9.25 -23.00 -16.85
C CYS B 24 10.38 -23.71 -16.13
N VAL B 25 11.62 -23.37 -16.51
CA VAL B 25 12.82 -23.93 -15.91
C VAL B 25 13.31 -22.98 -14.83
N THR B 26 13.50 -23.50 -13.62
CA THR B 26 13.87 -22.70 -12.47
C THR B 26 15.27 -23.05 -12.00
N SER B 27 15.88 -22.13 -11.27
CA SER B 27 17.21 -22.35 -10.73
C SER B 27 17.48 -21.33 -9.63
N GLY B 28 18.45 -21.65 -8.78
CA GLY B 28 18.86 -20.76 -7.71
C GLY B 28 18.12 -20.95 -6.41
N PHE B 29 17.17 -21.87 -6.35
CA PHE B 29 16.39 -22.12 -5.14
C PHE B 29 15.83 -23.53 -5.18
N THR B 30 15.53 -24.04 -3.98
CA THR B 30 14.91 -25.36 -3.85
C THR B 30 13.51 -25.32 -4.46
N PHE B 31 13.33 -26.05 -5.56
CA PHE B 31 12.13 -25.93 -6.37
C PHE B 31 10.89 -26.47 -5.65
N THR B 32 11.04 -27.58 -4.93
CA THR B 32 9.90 -28.24 -4.30
C THR B 32 9.38 -27.51 -3.06
N ASP B 33 9.98 -26.38 -2.69
CA ASP B 33 9.60 -25.69 -1.47
C ASP B 33 8.75 -24.44 -1.70
N TYR B 34 8.49 -24.06 -2.96
CA TYR B 34 7.79 -22.81 -3.22
C TYR B 34 6.56 -23.04 -4.09
N TYR B 35 5.51 -22.25 -3.84
CA TYR B 35 4.37 -22.19 -4.74
C TYR B 35 4.78 -21.66 -6.11
N MET B 36 4.18 -22.22 -7.15
CA MET B 36 4.37 -21.80 -8.53
C MET B 36 3.02 -21.50 -9.18
N SER B 37 3.03 -20.54 -10.12
CA SER B 37 1.80 -20.04 -10.72
C SER B 37 2.07 -19.71 -12.18
N TRP B 38 0.98 -19.52 -12.93
CA TRP B 38 1.04 -19.11 -14.33
C TRP B 38 0.22 -17.86 -14.60
N VAL B 39 0.43 -16.81 -13.82
CA VAL B 39 -0.29 -15.56 -14.06
C VAL B 39 -0.01 -15.08 -15.48
N ARG B 40 -1.07 -14.59 -16.15
CA ARG B 40 -0.97 -14.12 -17.52
C ARG B 40 -1.17 -12.61 -17.61
N GLN B 41 -0.53 -12.01 -18.62
CA GLN B 41 -0.63 -10.58 -18.89
C GLN B 41 -1.01 -10.34 -20.34
N PRO B 42 -2.29 -10.11 -20.63
CA PRO B 42 -2.69 -9.82 -22.00
C PRO B 42 -2.19 -8.46 -22.44
N PRO B 43 -2.11 -8.21 -23.75
CA PRO B 43 -1.66 -6.89 -24.22
C PRO B 43 -2.61 -5.79 -23.78
N GLY B 44 -2.08 -4.80 -23.05
CA GLY B 44 -2.90 -3.68 -22.62
C GLY B 44 -4.03 -4.05 -21.70
N LYS B 45 -3.87 -5.10 -20.89
CA LYS B 45 -4.92 -5.56 -19.99
C LYS B 45 -4.30 -5.89 -18.63
N ALA B 46 -5.15 -5.94 -17.61
CA ALA B 46 -4.69 -6.22 -16.27
C ALA B 46 -4.21 -7.67 -16.14
N LEU B 47 -3.37 -7.90 -15.14
CA LEU B 47 -2.87 -9.24 -14.88
C LEU B 47 -4.01 -10.16 -14.45
N GLU B 48 -3.92 -11.42 -14.86
CA GLU B 48 -4.96 -12.41 -14.59
C GLU B 48 -4.30 -13.62 -13.98
N TRP B 49 -4.58 -13.90 -12.71
CA TRP B 49 -4.07 -15.12 -12.08
C TRP B 49 -4.78 -16.33 -12.66
N LEU B 50 -4.01 -17.37 -12.98
CA LEU B 50 -4.56 -18.57 -13.58
C LEU B 50 -4.66 -19.74 -12.61
N ALA B 51 -3.57 -20.07 -11.92
CA ALA B 51 -3.56 -21.20 -11.00
C ALA B 51 -2.31 -21.12 -10.14
N PHE B 52 -2.32 -21.88 -9.05
CA PHE B 52 -1.10 -22.07 -8.27
C PHE B 52 -1.08 -23.47 -7.69
N ILE B 53 0.13 -23.95 -7.38
CA ILE B 53 0.33 -25.27 -6.80
C ILE B 53 1.16 -25.19 -5.53
N ARG B 54 0.74 -25.96 -4.53
CA ARG B 54 1.30 -25.96 -3.18
C ARG B 54 2.59 -26.76 -3.13
N ASN B 55 3.22 -26.80 -1.96
CA ASN B 55 4.53 -27.44 -1.81
C ASN B 55 4.38 -28.94 -1.56
N LYS B 56 5.49 -29.58 -1.22
CA LYS B 56 5.50 -31.03 -1.06
C LYS B 56 4.74 -31.44 0.19
N VAL B 57 4.95 -30.69 1.28
CA VAL B 57 4.30 -30.97 2.56
C VAL B 57 2.80 -30.77 2.51
N ASN B 58 2.29 -30.14 1.46
CA ASN B 58 0.86 -29.91 1.29
C ASN B 58 0.28 -30.75 0.16
N GLY B 59 1.00 -31.79 -0.26
CA GLY B 59 0.47 -32.72 -1.24
C GLY B 59 0.46 -32.23 -2.66
N TYR B 60 1.14 -31.13 -2.97
CA TYR B 60 1.21 -30.62 -4.34
C TYR B 60 -0.18 -30.31 -4.89
N THR B 61 -1.07 -29.86 -4.01
CA THR B 61 -2.42 -29.58 -4.46
C THR B 61 -2.45 -28.28 -5.26
N THR B 62 -3.49 -28.15 -6.09
CA THR B 62 -3.61 -27.06 -7.03
C THR B 62 -4.89 -26.27 -6.76
N GLU B 63 -4.84 -24.99 -7.10
CA GLU B 63 -6.02 -24.13 -7.07
C GLU B 63 -6.10 -23.37 -8.37
N TYR B 64 -7.32 -23.25 -8.89
CA TYR B 64 -7.61 -22.74 -10.22
C TYR B 64 -8.63 -21.62 -10.14
N ARG B 65 -8.52 -20.67 -11.06
CA ARG B 65 -9.60 -19.72 -11.28
C ARG B 65 -10.81 -20.47 -11.84
N ALA B 66 -11.99 -20.14 -11.32
CA ALA B 66 -13.18 -20.91 -11.66
C ALA B 66 -13.49 -20.90 -13.15
N SER B 67 -13.17 -19.80 -13.84
CA SER B 67 -13.46 -19.72 -15.27
C SER B 67 -12.59 -20.67 -16.09
N VAL B 68 -11.42 -21.04 -15.57
CA VAL B 68 -10.46 -21.85 -16.31
C VAL B 68 -10.35 -23.28 -15.79
N LYS B 69 -11.10 -23.61 -14.74
CA LYS B 69 -11.07 -24.96 -14.20
C LYS B 69 -11.59 -25.98 -15.20
N GLY B 70 -10.88 -27.10 -15.35
CA GLY B 70 -11.20 -28.06 -16.39
C GLY B 70 -10.61 -27.78 -17.76
N ARG B 71 -10.04 -26.60 -17.98
CA ARG B 71 -9.41 -26.25 -19.26
C ARG B 71 -7.90 -26.19 -19.19
N PHE B 72 -7.33 -25.61 -18.14
CA PHE B 72 -5.90 -25.43 -17.99
C PHE B 72 -5.38 -26.35 -16.90
N THR B 73 -4.15 -26.85 -17.07
CA THR B 73 -3.60 -27.76 -16.07
C THR B 73 -2.15 -27.43 -15.77
N ILE B 74 -1.87 -27.18 -14.49
CA ILE B 74 -0.53 -26.89 -14.00
C ILE B 74 0.04 -28.12 -13.30
N SER B 75 1.34 -28.34 -13.44
CA SER B 75 1.94 -29.52 -12.84
C SER B 75 3.45 -29.32 -12.72
N ARG B 76 4.07 -30.15 -11.89
CA ARG B 76 5.51 -30.14 -11.70
C ARG B 76 6.14 -31.43 -12.22
N ASP B 77 7.40 -31.34 -12.63
CA ASP B 77 8.13 -32.53 -13.04
C ASP B 77 8.46 -33.40 -11.84
N SER B 78 8.57 -34.71 -12.09
CA SER B 78 8.75 -35.65 -10.98
C SER B 78 10.16 -35.58 -10.40
N SER B 79 11.18 -35.40 -11.26
CA SER B 79 12.55 -35.44 -10.80
C SER B 79 13.38 -34.24 -11.25
N GLN B 80 12.76 -33.23 -11.86
CA GLN B 80 13.49 -32.06 -12.31
C GLN B 80 12.75 -30.81 -11.87
N SER B 81 13.47 -29.69 -11.79
CA SER B 81 12.89 -28.42 -11.37
C SER B 81 12.25 -27.68 -12.53
N ILE B 82 11.26 -28.33 -13.14
CA ILE B 82 10.56 -27.83 -14.32
C ILE B 82 9.08 -27.81 -13.99
N LEU B 83 8.42 -26.68 -14.29
CA LEU B 83 6.98 -26.56 -14.12
C LEU B 83 6.31 -26.55 -15.49
N TYR B 84 5.17 -27.21 -15.60
CA TYR B 84 4.48 -27.35 -16.88
C TYR B 84 3.09 -26.75 -16.77
N LEU B 85 2.55 -26.41 -17.94
CA LEU B 85 1.18 -25.94 -18.08
C LEU B 85 0.60 -26.46 -19.39
N GLN B 86 -0.30 -27.43 -19.30
CA GLN B 86 -0.98 -27.96 -20.46
C GLN B 86 -2.21 -27.10 -20.74
N VAL B 87 -2.40 -26.78 -22.02
CA VAL B 87 -3.47 -25.90 -22.47
C VAL B 87 -4.13 -26.54 -23.69
N ASN B 88 -5.46 -26.55 -23.70
CA ASN B 88 -6.24 -27.10 -24.80
C ASN B 88 -7.35 -26.11 -25.15
N THR B 89 -8.05 -26.41 -26.25
CA THR B 89 -9.16 -25.58 -26.75
C THR B 89 -8.78 -24.10 -26.80
N LEU B 90 -7.68 -23.81 -27.47
CA LEU B 90 -7.13 -22.45 -27.52
C LEU B 90 -8.04 -21.53 -28.32
N ARG B 91 -8.28 -20.33 -27.79
CA ARG B 91 -9.04 -19.32 -28.52
C ARG B 91 -8.20 -18.06 -28.66
N ALA B 92 -8.68 -17.14 -29.51
CA ALA B 92 -7.94 -15.90 -29.74
C ALA B 92 -7.80 -15.06 -28.48
N GLU B 93 -8.68 -15.23 -27.49
CA GLU B 93 -8.57 -14.47 -26.26
C GLU B 93 -7.44 -14.94 -25.37
N ASP B 94 -6.90 -16.13 -25.62
CA ASP B 94 -5.78 -16.64 -24.84
C ASP B 94 -4.45 -16.07 -25.27
N SER B 95 -4.41 -15.26 -26.33
CA SER B 95 -3.17 -14.66 -26.78
C SER B 95 -2.69 -13.66 -25.75
N ALA B 96 -1.51 -13.92 -25.16
CA ALA B 96 -1.01 -13.06 -24.10
C ALA B 96 0.43 -13.45 -23.80
N THR B 97 1.07 -12.69 -22.92
CA THR B 97 2.34 -13.09 -22.34
C THR B 97 2.09 -13.85 -21.04
N TYR B 98 2.61 -15.06 -20.96
CA TYR B 98 2.38 -15.96 -19.84
C TYR B 98 3.63 -15.97 -18.96
N TYR B 99 3.46 -15.62 -17.68
CA TYR B 99 4.56 -15.45 -16.76
C TYR B 99 4.57 -16.61 -15.76
N CYS B 100 5.75 -17.19 -15.55
CA CYS B 100 5.98 -18.14 -14.47
C CYS B 100 6.61 -17.42 -13.30
N ALA B 101 6.16 -17.71 -12.07
CA ALA B 101 6.64 -16.90 -10.96
C ALA B 101 6.80 -17.73 -9.70
N ARG B 102 7.81 -17.37 -8.91
CA ARG B 102 8.09 -17.89 -7.58
C ARG B 102 7.51 -16.97 -6.51
N ASP B 103 6.86 -17.56 -5.52
CA ASP B 103 6.14 -16.82 -4.50
C ASP B 103 6.93 -16.86 -3.20
N ARG B 104 6.71 -15.85 -2.35
CA ARG B 104 7.33 -15.87 -1.03
C ARG B 104 6.56 -16.81 -0.09
N GLY B 105 7.12 -16.98 1.10
CA GLY B 105 6.52 -17.77 2.15
C GLY B 105 5.77 -17.00 3.22
N GLY B 106 5.49 -15.72 3.01
CA GLY B 106 4.77 -14.94 4.00
C GLY B 106 3.32 -15.38 4.13
N ASN B 107 2.56 -14.55 4.86
CA ASN B 107 1.13 -14.80 5.02
C ASN B 107 0.41 -14.54 3.69
N GLY B 108 -0.14 -15.60 3.11
CA GLY B 108 -0.99 -15.45 1.96
C GLY B 108 -0.13 -15.31 0.73
N VAL B 109 -0.51 -15.94 -0.39
CA VAL B 109 0.43 -16.07 -1.49
C VAL B 109 0.55 -14.74 -2.21
N TYR B 110 1.77 -14.22 -2.28
CA TYR B 110 2.17 -13.17 -3.20
C TYR B 110 3.43 -13.62 -3.94
N PHE B 111 3.71 -12.95 -5.05
CA PHE B 111 4.69 -13.39 -6.04
C PHE B 111 5.92 -12.50 -5.98
N ASP B 112 7.00 -13.05 -5.41
CA ASP B 112 8.24 -12.34 -5.11
C ASP B 112 9.28 -12.37 -6.22
N TYR B 113 9.16 -13.25 -7.22
CA TYR B 113 10.12 -13.25 -8.33
C TYR B 113 9.41 -13.73 -9.59
N TRP B 114 9.53 -12.94 -10.66
CA TRP B 114 8.85 -13.23 -11.91
C TRP B 114 9.85 -13.55 -13.00
N GLY B 115 9.46 -14.43 -13.91
CA GLY B 115 10.26 -14.73 -15.07
C GLY B 115 10.09 -13.68 -16.16
N GLN B 116 10.84 -13.86 -17.25
CA GLN B 116 10.79 -12.90 -18.34
C GLN B 116 9.47 -12.99 -19.09
N GLY B 117 8.86 -14.16 -19.12
CA GLY B 117 7.56 -14.36 -19.77
C GLY B 117 7.72 -14.88 -21.18
N THR B 118 6.71 -15.61 -21.63
CA THR B 118 6.71 -16.10 -23.01
C THR B 118 5.39 -15.76 -23.68
N THR B 119 5.45 -15.34 -24.94
CA THR B 119 4.28 -14.81 -25.62
C THR B 119 3.62 -15.87 -26.49
N LEU B 120 2.32 -16.03 -26.32
CA LEU B 120 1.51 -16.96 -27.08
C LEU B 120 0.52 -16.17 -27.92
N THR B 121 0.43 -16.48 -29.22
CA THR B 121 -0.51 -15.85 -30.11
C THR B 121 -1.39 -16.95 -30.71
N VAL B 122 -2.69 -16.82 -30.51
CA VAL B 122 -3.67 -17.79 -30.99
C VAL B 122 -4.51 -17.13 -32.08
N SER B 123 -4.30 -17.53 -33.32
CA SER B 123 -5.06 -16.97 -34.43
C SER B 123 -4.95 -17.93 -35.61
N SER B 124 -5.90 -17.79 -36.54
CA SER B 124 -5.90 -18.59 -37.75
C SER B 124 -5.22 -17.90 -38.92
N ALA B 125 -4.71 -16.69 -38.73
CA ALA B 125 -4.11 -15.99 -39.85
C ALA B 125 -2.78 -16.63 -40.25
N LYS B 126 -2.49 -16.57 -41.54
CA LYS B 126 -1.31 -17.21 -42.11
C LYS B 126 -0.14 -16.23 -41.99
N THR B 127 1.04 -16.76 -41.70
CA THR B 127 2.21 -15.89 -41.66
C THR B 127 2.44 -15.28 -43.03
N THR B 128 2.60 -13.96 -43.06
CA THR B 128 2.72 -13.19 -44.29
C THR B 128 3.85 -12.17 -44.20
N PRO B 129 4.72 -12.10 -45.20
CA PRO B 129 5.78 -11.09 -45.18
C PRO B 129 5.21 -9.71 -45.44
N PRO B 130 5.92 -8.66 -45.04
CA PRO B 130 5.40 -7.30 -45.17
C PRO B 130 5.72 -6.65 -46.52
N SER B 131 4.94 -5.61 -46.82
CA SER B 131 5.20 -4.73 -47.94
C SER B 131 5.60 -3.37 -47.40
N VAL B 132 6.75 -2.87 -47.85
CA VAL B 132 7.34 -1.64 -47.33
C VAL B 132 7.23 -0.54 -48.37
N TYR B 133 6.54 0.55 -48.02
CA TYR B 133 6.39 1.66 -48.93
C TYR B 133 7.02 2.93 -48.36
N PRO B 134 7.73 3.69 -49.18
CA PRO B 134 8.32 4.95 -48.69
C PRO B 134 7.27 6.05 -48.62
N LEU B 135 7.53 7.01 -47.74
CA LEU B 135 6.67 8.17 -47.55
C LEU B 135 7.51 9.45 -47.74
N ALA B 136 7.40 10.06 -48.91
CA ALA B 136 8.16 11.26 -49.23
C ALA B 136 7.23 12.41 -49.55
N PRO B 137 7.62 13.66 -49.22
CA PRO B 137 6.80 14.83 -49.54
C PRO B 137 6.95 15.26 -51.00
N SER B 145 14.66 24.19 -43.89
CA SER B 145 13.84 24.00 -42.71
C SER B 145 14.11 22.66 -42.06
N MET B 146 13.14 22.16 -41.30
CA MET B 146 13.19 20.84 -40.70
C MET B 146 12.23 19.97 -41.51
N VAL B 147 12.65 18.77 -41.94
CA VAL B 147 11.79 17.91 -42.74
C VAL B 147 11.60 16.56 -42.07
N THR B 148 10.39 16.00 -42.21
CA THR B 148 10.03 14.73 -41.61
C THR B 148 9.81 13.70 -42.72
N LEU B 149 10.53 12.58 -42.66
CA LEU B 149 10.33 11.44 -43.55
C LEU B 149 9.83 10.24 -42.75
N GLY B 150 9.65 9.11 -43.43
CA GLY B 150 9.16 7.92 -42.75
C GLY B 150 9.10 6.73 -43.70
N CYS B 151 8.78 5.57 -43.11
CA CYS B 151 8.61 4.33 -43.84
C CYS B 151 7.37 3.61 -43.31
N LEU B 152 6.60 2.99 -44.22
CA LEU B 152 5.36 2.29 -43.87
C LEU B 152 5.46 0.78 -44.14
N VAL B 153 5.23 -0.04 -43.11
CA VAL B 153 5.27 -1.49 -43.24
C VAL B 153 3.84 -2.00 -43.08
N LYS B 154 3.32 -2.65 -44.12
CA LYS B 154 1.90 -2.96 -44.21
C LYS B 154 1.69 -4.40 -44.64
N GLY B 155 0.65 -5.02 -44.08
CA GLY B 155 0.19 -6.30 -44.56
C GLY B 155 1.07 -7.47 -44.17
N TYR B 156 1.55 -7.49 -42.93
CA TYR B 156 2.39 -8.57 -42.44
C TYR B 156 1.75 -9.27 -41.25
N PHE B 157 2.21 -10.49 -40.99
CA PHE B 157 1.81 -11.30 -39.86
C PHE B 157 2.84 -12.41 -39.73
N PRO B 158 3.27 -12.77 -38.51
CA PRO B 158 2.93 -12.23 -37.19
C PRO B 158 3.96 -11.21 -36.70
N GLU B 159 3.83 -10.76 -35.46
CA GLU B 159 4.86 -9.94 -34.85
C GLU B 159 6.12 -10.76 -34.59
N PRO B 160 7.28 -10.10 -34.43
CA PRO B 160 7.51 -8.65 -34.45
C PRO B 160 8.13 -8.16 -35.75
N VAL B 161 8.24 -6.85 -35.92
CA VAL B 161 8.92 -6.24 -37.05
C VAL B 161 9.80 -5.12 -36.52
N THR B 162 11.08 -5.14 -36.87
CA THR B 162 12.02 -4.11 -36.44
C THR B 162 12.33 -3.17 -37.60
N VAL B 163 12.50 -1.89 -37.28
CA VAL B 163 12.76 -0.88 -38.30
C VAL B 163 13.97 -0.07 -37.85
N THR B 164 14.92 0.11 -38.76
CA THR B 164 16.06 1.00 -38.56
C THR B 164 16.15 1.97 -39.73
N TRP B 165 16.96 3.00 -39.54
CA TRP B 165 17.20 4.00 -40.58
C TRP B 165 18.69 4.11 -40.85
N ASN B 166 19.06 3.97 -42.13
CA ASN B 166 20.45 4.00 -42.57
C ASN B 166 21.30 2.95 -41.84
N SER B 167 20.74 1.74 -41.73
CA SER B 167 21.43 0.61 -41.11
C SER B 167 21.88 0.90 -39.67
N GLY B 168 21.07 1.65 -38.93
CA GLY B 168 21.40 1.96 -37.55
C GLY B 168 22.12 3.28 -37.33
N SER B 169 22.72 3.86 -38.37
CA SER B 169 23.46 5.11 -38.19
C SER B 169 22.56 6.31 -37.96
N LEU B 170 21.27 6.20 -38.24
CA LEU B 170 20.31 7.29 -38.01
C LEU B 170 19.37 6.86 -36.89
N SER B 171 19.64 7.36 -35.67
CA SER B 171 18.86 6.99 -34.50
C SER B 171 18.22 8.18 -33.79
N SER B 172 18.72 9.39 -34.01
CA SER B 172 18.18 10.58 -33.37
C SER B 172 16.92 11.02 -34.11
N GLY B 173 15.86 11.31 -33.37
CA GLY B 173 14.65 11.75 -34.04
C GLY B 173 13.85 10.64 -34.67
N VAL B 174 13.93 9.43 -34.14
CA VAL B 174 13.22 8.28 -34.69
C VAL B 174 12.01 7.98 -33.81
N HIS B 175 10.85 7.88 -34.43
CA HIS B 175 9.59 7.53 -33.77
C HIS B 175 9.00 6.29 -34.44
N THR B 176 9.04 5.17 -33.74
CA THR B 176 8.48 3.91 -34.24
C THR B 176 7.17 3.64 -33.53
N PHE B 177 6.08 3.65 -34.29
CA PHE B 177 4.75 3.56 -33.72
C PHE B 177 4.32 2.10 -33.57
N PRO B 178 3.53 1.78 -32.55
CA PRO B 178 3.10 0.40 -32.36
C PRO B 178 2.20 -0.07 -33.50
N ALA B 179 2.21 -1.38 -33.73
CA ALA B 179 1.47 -1.94 -34.85
C ALA B 179 -0.03 -1.93 -34.56
N VAL B 180 -0.82 -1.87 -35.64
CA VAL B 180 -2.27 -1.88 -35.57
C VAL B 180 -2.78 -3.02 -36.44
N LEU B 181 -3.76 -3.77 -35.92
CA LEU B 181 -4.29 -4.94 -36.60
C LEU B 181 -5.57 -4.57 -37.34
N GLN B 182 -5.70 -5.10 -38.56
CA GLN B 182 -6.93 -4.93 -39.35
C GLN B 182 -7.01 -6.05 -40.35
N SER B 183 -8.11 -6.81 -40.28
CA SER B 183 -8.38 -7.92 -41.18
C SER B 183 -7.22 -8.92 -41.17
N ASP B 184 -6.78 -9.28 -39.98
CA ASP B 184 -5.75 -10.29 -39.76
C ASP B 184 -4.40 -9.88 -40.34
N LEU B 185 -4.15 -8.58 -40.53
CA LEU B 185 -2.86 -8.10 -41.02
C LEU B 185 -2.50 -6.83 -40.27
N TYR B 186 -1.22 -6.71 -39.93
CA TYR B 186 -0.75 -5.57 -39.16
C TYR B 186 -0.22 -4.46 -40.07
N THR B 187 -0.21 -3.25 -39.51
CA THR B 187 0.33 -2.07 -40.17
C THR B 187 1.08 -1.23 -39.13
N LEU B 188 2.31 -0.85 -39.46
CA LEU B 188 3.16 -0.10 -38.57
C LEU B 188 3.84 0.97 -39.40
N SER B 189 4.18 2.08 -38.76
CA SER B 189 4.84 3.18 -39.45
C SER B 189 5.95 3.72 -38.58
N SER B 190 6.94 4.32 -39.23
CA SER B 190 8.07 4.92 -38.54
C SER B 190 8.40 6.25 -39.18
N SER B 191 8.79 7.20 -38.35
CA SER B 191 9.11 8.56 -38.76
C SER B 191 10.50 8.95 -38.29
N VAL B 192 11.11 9.86 -39.05
CA VAL B 192 12.43 10.41 -38.74
C VAL B 192 12.42 11.86 -39.16
N THR B 193 13.07 12.71 -38.38
CA THR B 193 13.11 14.14 -38.68
C THR B 193 14.56 14.57 -38.89
N VAL B 194 14.87 15.05 -40.09
CA VAL B 194 16.22 15.46 -40.44
C VAL B 194 16.20 16.90 -40.95
N PRO B 195 17.34 17.60 -40.84
CA PRO B 195 17.43 18.95 -41.41
C PRO B 195 17.31 18.95 -42.92
N SER B 196 16.70 20.01 -43.45
CA SER B 196 16.47 20.11 -44.89
C SER B 196 17.79 20.23 -45.64
N SER B 197 18.86 20.62 -44.96
CA SER B 197 20.21 20.72 -45.52
C SER B 197 20.88 19.36 -45.62
N THR B 198 20.24 18.32 -45.11
CA THR B 198 20.74 16.95 -45.14
C THR B 198 19.95 16.05 -46.07
N TRP B 199 18.88 16.55 -46.69
CA TRP B 199 18.15 15.69 -47.60
C TRP B 199 17.60 16.59 -48.70
N PRO B 200 17.69 16.17 -49.97
CA PRO B 200 18.21 14.91 -50.49
C PRO B 200 19.71 14.90 -50.78
N SER B 201 20.52 15.77 -50.17
CA SER B 201 21.96 15.73 -50.41
C SER B 201 22.64 14.47 -49.89
N GLU B 202 22.15 13.85 -48.82
CA GLU B 202 22.66 12.55 -48.40
C GLU B 202 21.52 11.53 -48.35
N THR B 203 21.86 10.28 -48.59
CA THR B 203 20.85 9.24 -48.75
C THR B 203 20.20 8.89 -47.41
N VAL B 204 18.92 8.55 -47.48
CA VAL B 204 18.14 8.08 -46.34
C VAL B 204 17.40 6.81 -46.76
N THR B 205 17.64 5.72 -46.05
CA THR B 205 17.09 4.43 -46.41
C THR B 205 16.50 3.79 -45.16
N CYS B 206 15.29 3.25 -45.27
CA CYS B 206 14.71 2.53 -44.15
C CYS B 206 14.91 1.03 -44.34
N ASN B 207 15.22 0.34 -43.25
CA ASN B 207 15.43 -1.09 -43.25
C ASN B 207 14.40 -1.76 -42.36
N VAL B 208 13.72 -2.77 -42.88
CA VAL B 208 12.64 -3.44 -42.17
C VAL B 208 13.00 -4.92 -42.07
N ALA B 209 12.92 -5.46 -40.86
CA ALA B 209 13.23 -6.85 -40.58
C ALA B 209 12.01 -7.55 -40.00
N HIS B 210 11.71 -8.73 -40.53
CA HIS B 210 10.63 -9.58 -40.05
C HIS B 210 11.19 -10.99 -39.91
N PRO B 211 11.80 -11.32 -38.77
CA PRO B 211 12.47 -12.61 -38.63
C PRO B 211 11.53 -13.79 -38.75
N ALA B 212 10.24 -13.59 -38.45
CA ALA B 212 9.28 -14.69 -38.54
C ALA B 212 9.15 -15.21 -39.96
N SER B 213 9.49 -14.40 -40.95
CA SER B 213 9.46 -14.79 -42.35
C SER B 213 10.81 -14.62 -43.02
N SER B 214 11.88 -14.40 -42.24
CA SER B 214 13.23 -14.22 -42.78
C SER B 214 13.27 -13.07 -43.78
N THR B 215 12.66 -11.94 -43.41
CA THR B 215 12.58 -10.79 -44.28
C THR B 215 13.52 -9.68 -43.82
N LYS B 216 14.23 -9.08 -44.78
CA LYS B 216 15.14 -7.97 -44.50
C LYS B 216 15.18 -7.10 -45.75
N VAL B 217 14.38 -6.03 -45.74
CA VAL B 217 14.19 -5.15 -46.90
C VAL B 217 14.88 -3.83 -46.65
N ASP B 218 15.56 -3.32 -47.67
CA ASP B 218 16.06 -1.95 -47.68
C ASP B 218 15.24 -1.15 -48.69
N LYS B 219 14.83 0.06 -48.30
CA LYS B 219 14.01 0.90 -49.15
C LYS B 219 14.59 2.31 -49.17
N LYS B 220 15.10 2.72 -50.32
CA LYS B 220 15.64 4.06 -50.50
C LYS B 220 14.50 5.04 -50.78
N ILE B 221 14.49 6.16 -50.08
CA ILE B 221 13.47 7.18 -50.27
C ILE B 221 13.96 8.17 -51.31
N VAL B 222 13.30 8.20 -52.46
CA VAL B 222 13.69 9.12 -53.53
C VAL B 222 12.56 10.14 -53.56
N PRO B 223 12.81 11.42 -53.88
CA PRO B 223 11.70 12.37 -53.90
C PRO B 223 10.78 12.11 -55.08
N ARG B 224 9.53 12.52 -54.92
CA ARG B 224 8.47 12.35 -55.89
C ARG B 224 8.17 13.67 -56.58
N ASP B 225 7.05 13.69 -57.32
CA ASP B 225 6.58 14.92 -57.95
C ASP B 225 5.83 15.81 -56.98
N CYS B 226 5.20 15.24 -55.96
CA CYS B 226 4.48 16.06 -54.98
C CYS B 226 4.41 15.43 -53.59
N ASP C 1 -16.61 -11.86 -8.07
CA ASP C 1 -15.42 -11.99 -7.24
C ASP C 1 -14.88 -10.62 -6.84
N ILE C 2 -13.71 -10.62 -6.20
CA ILE C 2 -13.11 -9.37 -5.74
C ILE C 2 -12.52 -8.63 -6.95
N VAL C 3 -12.87 -7.35 -7.07
CA VAL C 3 -12.43 -6.52 -8.18
C VAL C 3 -11.57 -5.40 -7.62
N MET C 4 -10.36 -5.26 -8.18
CA MET C 4 -9.44 -4.18 -7.84
C MET C 4 -9.58 -3.05 -8.86
N THR C 5 -10.05 -1.90 -8.39
CA THR C 5 -10.37 -0.76 -9.24
C THR C 5 -9.34 0.34 -8.99
N GLN C 6 -8.50 0.62 -9.99
CA GLN C 6 -7.60 1.76 -9.97
C GLN C 6 -8.26 2.91 -10.74
N SER C 7 -8.72 3.92 -9.99
CA SER C 7 -9.57 4.96 -10.57
C SER C 7 -8.83 5.75 -11.65
N HIS C 8 -7.51 5.82 -11.58
CA HIS C 8 -6.72 6.64 -12.50
C HIS C 8 -5.96 5.72 -13.44
N LYS C 9 -6.15 5.93 -14.75
CA LYS C 9 -5.36 5.22 -15.75
C LYS C 9 -4.02 5.91 -16.00
N PHE C 10 -3.93 7.21 -15.77
CA PHE C 10 -2.70 7.96 -15.97
C PHE C 10 -2.49 8.90 -14.79
N MET C 11 -1.22 9.14 -14.44
CA MET C 11 -0.89 10.03 -13.35
C MET C 11 0.37 10.84 -13.68
N SER C 12 0.28 12.15 -13.50
CA SER C 12 1.36 13.08 -13.83
C SER C 12 2.20 13.43 -12.60
N THR C 13 3.52 13.56 -12.79
CA THR C 13 4.42 13.91 -11.71
C THR C 13 5.74 14.39 -12.31
N SER C 14 6.59 14.95 -11.45
CA SER C 14 7.91 15.40 -11.85
C SER C 14 8.96 14.71 -11.00
N VAL C 15 10.21 14.78 -11.45
CA VAL C 15 11.30 14.15 -10.72
C VAL C 15 11.54 14.93 -9.43
N GLY C 16 11.52 14.22 -8.30
CA GLY C 16 11.71 14.82 -7.00
C GLY C 16 10.44 15.10 -6.24
N ASP C 17 9.28 14.92 -6.87
CA ASP C 17 8.01 15.17 -6.22
C ASP C 17 7.50 13.90 -5.54
N ARG C 18 6.33 14.00 -4.93
CA ARG C 18 5.70 12.87 -4.26
C ARG C 18 4.39 12.54 -4.95
N VAL C 19 4.15 11.25 -5.18
CA VAL C 19 2.98 10.78 -5.91
C VAL C 19 2.21 9.83 -5.01
N SER C 20 0.88 9.91 -5.03
CA SER C 20 0.06 8.98 -4.27
C SER C 20 -0.88 8.27 -5.23
N ILE C 21 -0.64 6.97 -5.43
CA ILE C 21 -1.47 6.13 -6.29
C ILE C 21 -2.44 5.35 -5.40
N THR C 22 -3.73 5.50 -5.67
CA THR C 22 -4.80 4.93 -4.86
C THR C 22 -5.29 3.63 -5.49
N CYS C 23 -5.85 2.77 -4.64
CA CYS C 23 -6.38 1.48 -5.07
C CYS C 23 -7.56 1.14 -4.18
N LYS C 24 -8.68 0.82 -4.82
CA LYS C 24 -9.96 0.60 -4.16
C LYS C 24 -10.40 -0.84 -4.38
N ALA C 25 -10.71 -1.53 -3.30
CA ALA C 25 -11.16 -2.92 -3.35
C ALA C 25 -12.67 -2.98 -3.42
N SER C 26 -13.19 -4.04 -4.04
CA SER C 26 -14.64 -4.19 -4.15
C SER C 26 -15.27 -4.45 -2.79
N GLN C 27 -14.57 -5.15 -1.90
CA GLN C 27 -15.04 -5.44 -0.56
C GLN C 27 -13.86 -5.43 0.39
N ASP C 28 -14.15 -5.65 1.67
CA ASP C 28 -13.12 -5.63 2.71
C ASP C 28 -12.13 -6.76 2.48
N VAL C 29 -10.85 -6.43 2.32
CA VAL C 29 -9.79 -7.42 2.17
C VAL C 29 -8.77 -7.33 3.28
N GLY C 30 -9.05 -6.56 4.32
CA GLY C 30 -8.11 -6.33 5.41
C GLY C 30 -6.82 -5.70 4.93
N THR C 31 -5.71 -6.43 5.09
CA THR C 31 -4.40 -6.00 4.61
C THR C 31 -3.74 -7.03 3.70
N ASP C 32 -4.50 -7.96 3.12
CA ASP C 32 -3.90 -8.98 2.25
C ASP C 32 -3.70 -8.42 0.85
N VAL C 33 -2.81 -7.42 0.76
CA VAL C 33 -2.56 -6.69 -0.48
C VAL C 33 -1.07 -6.56 -0.73
N ALA C 34 -0.68 -6.74 -1.99
CA ALA C 34 0.69 -6.56 -2.45
C ALA C 34 0.68 -5.56 -3.60
N TRP C 35 1.83 -4.92 -3.82
CA TRP C 35 2.01 -3.95 -4.88
C TRP C 35 3.19 -4.34 -5.76
N TYR C 36 3.07 -4.06 -7.07
CA TYR C 36 4.12 -4.42 -8.00
C TYR C 36 4.41 -3.25 -8.92
N GLN C 37 5.62 -3.29 -9.49
CA GLN C 37 6.11 -2.34 -10.47
C GLN C 37 6.57 -3.10 -11.70
N GLN C 38 6.19 -2.62 -12.87
CA GLN C 38 6.55 -3.23 -14.14
C GLN C 38 7.02 -2.16 -15.11
N LYS C 39 8.26 -2.27 -15.55
CA LYS C 39 8.83 -1.41 -16.56
C LYS C 39 8.59 -2.01 -17.94
N PRO C 40 8.60 -1.19 -18.99
CA PRO C 40 8.34 -1.73 -20.33
C PRO C 40 9.35 -2.82 -20.69
N GLY C 41 8.83 -3.95 -21.15
CA GLY C 41 9.64 -5.07 -21.55
C GLY C 41 10.25 -5.87 -20.41
N GLN C 42 9.90 -5.56 -19.16
CA GLN C 42 10.47 -6.23 -18.00
C GLN C 42 9.36 -6.84 -17.15
N SER C 43 9.77 -7.73 -16.25
CA SER C 43 8.81 -8.40 -15.38
C SER C 43 8.43 -7.52 -14.21
N PRO C 44 7.27 -7.78 -13.60
CA PRO C 44 6.89 -7.03 -12.40
C PRO C 44 7.86 -7.29 -11.25
N LYS C 45 7.89 -6.33 -10.31
CA LYS C 45 8.78 -6.43 -9.17
C LYS C 45 8.04 -5.99 -7.91
N LEU C 46 8.05 -6.84 -6.90
CA LEU C 46 7.33 -6.57 -5.67
C LEU C 46 8.00 -5.48 -4.85
N LEU C 47 7.22 -4.48 -4.43
CA LEU C 47 7.71 -3.40 -3.59
C LEU C 47 7.20 -3.51 -2.16
N ILE C 48 5.89 -3.67 -1.98
CA ILE C 48 5.26 -3.69 -0.66
C ILE C 48 4.34 -4.90 -0.60
N TYR C 49 4.28 -5.52 0.58
CA TYR C 49 3.31 -6.54 0.93
C TYR C 49 2.75 -6.23 2.31
N TRP C 50 1.58 -6.83 2.60
CA TRP C 50 0.85 -6.56 3.84
C TRP C 50 0.59 -5.07 4.00
N ALA C 51 0.25 -4.41 2.88
CA ALA C 51 -0.16 -3.02 2.81
C ALA C 51 0.97 -2.05 3.07
N SER C 52 1.91 -2.41 3.95
CA SER C 52 2.92 -1.46 4.37
C SER C 52 4.33 -2.00 4.54
N ILE C 53 4.57 -3.29 4.32
CA ILE C 53 5.91 -3.83 4.55
C ILE C 53 6.69 -3.77 3.24
N ARG C 54 7.79 -3.03 3.25
CA ARG C 54 8.66 -2.94 2.09
C ARG C 54 9.45 -4.23 1.91
N HIS C 55 9.57 -4.69 0.67
CA HIS C 55 10.41 -5.84 0.38
C HIS C 55 11.89 -5.48 0.56
N THR C 56 12.70 -6.52 0.77
CA THR C 56 14.13 -6.33 0.93
C THR C 56 14.73 -5.72 -0.34
N GLY C 57 15.56 -4.70 -0.16
CA GLY C 57 16.17 -4.00 -1.28
C GLY C 57 15.35 -2.87 -1.84
N VAL C 58 14.12 -2.69 -1.39
CA VAL C 58 13.29 -1.58 -1.88
C VAL C 58 13.69 -0.29 -1.17
N PRO C 59 13.95 0.79 -1.90
CA PRO C 59 14.37 2.03 -1.26
C PRO C 59 13.32 2.58 -0.31
N ASP C 60 13.77 3.46 0.59
CA ASP C 60 12.89 4.04 1.59
C ASP C 60 11.90 5.03 1.00
N ARG C 61 12.04 5.37 -0.28
CA ARG C 61 11.14 6.32 -0.92
C ARG C 61 9.75 5.74 -1.13
N PHE C 62 9.65 4.42 -1.27
CA PHE C 62 8.39 3.74 -1.52
C PHE C 62 7.73 3.44 -0.17
N THR C 63 6.51 3.92 0.03
CA THR C 63 5.77 3.67 1.26
C THR C 63 4.34 3.25 0.92
N GLY C 64 3.82 2.28 1.66
CA GLY C 64 2.45 1.85 1.50
C GLY C 64 1.65 2.12 2.75
N SER C 65 0.36 2.39 2.57
CA SER C 65 -0.52 2.68 3.69
C SER C 65 -1.96 2.42 3.29
N GLY C 66 -2.83 2.37 4.28
CA GLY C 66 -4.23 2.14 4.01
C GLY C 66 -4.79 0.89 4.64
N SER C 67 -6.10 0.88 4.90
CA SER C 67 -6.75 -0.27 5.49
C SER C 67 -8.19 -0.30 5.04
N GLY C 68 -8.70 -1.50 4.79
CA GLY C 68 -10.07 -1.67 4.37
C GLY C 68 -10.27 -1.69 2.86
N THR C 69 -10.60 -0.52 2.30
CA THR C 69 -10.88 -0.40 0.87
C THR C 69 -10.10 0.67 0.11
N ASP C 70 -9.50 1.66 0.78
CA ASP C 70 -8.85 2.76 0.07
C ASP C 70 -7.33 2.84 0.21
N PHE C 71 -6.65 1.76 -0.12
CA PHE C 71 -5.19 1.68 0.04
C PHE C 71 -4.47 2.65 -0.87
N THR C 72 -3.27 3.05 -0.45
CA THR C 72 -2.50 4.08 -1.15
C THR C 72 -1.01 3.76 -1.10
N LEU C 73 -0.35 3.89 -2.25
CA LEU C 73 1.10 3.79 -2.37
C LEU C 73 1.67 5.18 -2.61
N THR C 74 2.43 5.70 -1.65
CA THR C 74 3.02 7.03 -1.73
C THR C 74 4.50 6.91 -2.05
N ILE C 75 4.95 7.67 -3.04
CA ILE C 75 6.34 7.68 -3.47
C ILE C 75 6.86 9.09 -3.20
N SER C 76 7.63 9.23 -2.12
CA SER C 76 8.23 10.52 -1.80
C SER C 76 9.52 10.70 -2.59
N ASN C 77 9.74 11.93 -3.05
CA ASN C 77 10.93 12.26 -3.85
C ASN C 77 11.04 11.35 -5.07
N VAL C 78 10.21 11.57 -6.08
CA VAL C 78 10.19 10.71 -7.25
C VAL C 78 11.51 10.84 -8.00
N GLN C 79 12.17 9.71 -8.22
CA GLN C 79 13.39 9.70 -9.02
C GLN C 79 13.06 9.37 -10.48
N SER C 80 14.04 9.60 -11.35
CA SER C 80 13.84 9.30 -12.76
C SER C 80 13.72 7.81 -13.02
N GLU C 81 14.33 6.98 -12.18
CA GLU C 81 14.23 5.53 -12.34
C GLU C 81 12.90 4.96 -11.83
N ASP C 82 11.92 5.80 -11.55
CA ASP C 82 10.62 5.35 -11.11
C ASP C 82 9.54 5.44 -12.18
N LEU C 83 9.89 5.93 -13.37
CA LEU C 83 8.96 5.91 -14.49
C LEU C 83 8.63 4.46 -14.88
N ALA C 84 7.48 3.97 -14.42
CA ALA C 84 7.08 2.59 -14.65
C ALA C 84 5.58 2.49 -14.40
N ASP C 85 5.06 1.27 -14.51
CA ASP C 85 3.67 0.98 -14.21
C ASP C 85 3.57 0.37 -12.82
N TYR C 86 2.59 0.82 -12.05
CA TYR C 86 2.41 0.34 -10.67
C TYR C 86 0.99 -0.18 -10.52
N PHE C 87 0.85 -1.35 -9.90
CA PHE C 87 -0.48 -1.91 -9.74
C PHE C 87 -0.57 -2.69 -8.43
N CYS C 88 -1.81 -2.79 -7.92
CA CYS C 88 -2.07 -3.48 -6.67
C CYS C 88 -2.58 -4.90 -6.94
N GLN C 89 -2.69 -5.67 -5.88
CA GLN C 89 -3.16 -7.05 -5.94
C GLN C 89 -3.66 -7.47 -4.57
N GLN C 90 -4.77 -8.21 -4.54
CA GLN C 90 -5.31 -8.70 -3.28
C GLN C 90 -5.19 -10.23 -3.22
N TYR C 91 -4.94 -10.74 -2.02
CA TYR C 91 -4.92 -12.18 -1.77
C TYR C 91 -5.73 -12.51 -0.52
N SER C 92 -6.80 -11.76 -0.27
CA SER C 92 -7.69 -12.09 0.84
C SER C 92 -8.59 -13.28 0.53
N SER C 93 -9.06 -13.37 -0.72
CA SER C 93 -9.95 -14.45 -1.12
C SER C 93 -9.61 -14.88 -2.54
N TYR C 94 -9.91 -16.10 -2.84
CA TYR C 94 -9.72 -16.62 -4.18
C TYR C 94 -10.93 -16.32 -5.05
N PRO C 95 -10.72 -16.06 -6.34
CA PRO C 95 -9.45 -16.05 -7.07
C PRO C 95 -8.63 -14.79 -6.83
N LEU C 96 -7.31 -14.90 -6.93
CA LEU C 96 -6.45 -13.73 -6.82
C LEU C 96 -6.67 -12.79 -8.00
N THR C 97 -6.76 -11.50 -7.70
CA THR C 97 -7.08 -10.49 -8.69
C THR C 97 -6.07 -9.37 -8.63
N PHE C 98 -5.81 -8.76 -9.78
CA PHE C 98 -4.86 -7.65 -9.91
C PHE C 98 -5.59 -6.38 -10.32
N GLY C 99 -4.93 -5.25 -10.09
CA GLY C 99 -5.39 -4.00 -10.64
C GLY C 99 -4.98 -3.79 -12.08
N ALA C 100 -5.64 -2.82 -12.72
CA ALA C 100 -5.40 -2.56 -14.14
C ALA C 100 -4.09 -1.85 -14.40
N GLY C 101 -3.48 -1.25 -13.39
CA GLY C 101 -2.18 -0.63 -13.56
C GLY C 101 -2.27 0.88 -13.59
N THR C 102 -1.15 1.52 -13.25
CA THR C 102 -1.06 2.98 -13.27
C THR C 102 0.29 3.39 -13.84
N LYS C 103 0.25 4.15 -14.93
CA LYS C 103 1.45 4.59 -15.62
C LYS C 103 1.82 5.99 -15.14
N LEU C 104 3.12 6.20 -14.90
CA LEU C 104 3.62 7.49 -14.42
C LEU C 104 4.00 8.37 -15.61
N GLU C 105 3.34 9.53 -15.71
CA GLU C 105 3.62 10.51 -16.74
C GLU C 105 4.36 11.72 -16.17
N LEU C 106 5.35 12.19 -16.90
CA LEU C 106 6.20 13.28 -16.47
C LEU C 106 5.61 14.61 -16.93
N GLU C 107 5.64 15.60 -16.04
CA GLU C 107 5.12 16.93 -16.38
C GLU C 107 6.19 17.78 -17.06
N ARG C 108 5.73 18.63 -17.96
CA ARG C 108 6.60 19.55 -18.70
C ARG C 108 5.71 20.62 -19.30
N ALA C 109 6.35 21.64 -19.89
CA ALA C 109 5.59 22.71 -20.48
C ALA C 109 4.90 22.24 -21.76
N ASP C 110 3.86 22.98 -22.13
CA ASP C 110 3.07 22.64 -23.30
C ASP C 110 3.93 22.74 -24.56
N ALA C 111 3.48 22.05 -25.60
CA ALA C 111 4.20 22.05 -26.87
C ALA C 111 3.23 21.73 -27.98
N ALA C 112 3.26 22.53 -29.04
CA ALA C 112 2.39 22.28 -30.16
C ALA C 112 2.98 21.17 -31.03
N PRO C 113 2.13 20.35 -31.66
CA PRO C 113 2.65 19.24 -32.44
C PRO C 113 3.13 19.70 -33.80
N THR C 114 4.13 18.98 -34.30
CA THR C 114 4.61 19.16 -35.67
C THR C 114 3.84 18.20 -36.55
N VAL C 115 3.02 18.74 -37.44
CA VAL C 115 2.10 17.96 -38.25
C VAL C 115 2.66 17.85 -39.66
N SER C 116 2.63 16.64 -40.21
CA SER C 116 3.08 16.41 -41.57
C SER C 116 2.12 15.46 -42.27
N ILE C 117 1.78 15.75 -43.52
CA ILE C 117 0.86 14.90 -44.27
C ILE C 117 1.59 14.36 -45.49
N PHE C 118 1.29 13.11 -45.85
CA PHE C 118 1.98 12.43 -46.93
C PHE C 118 0.92 11.75 -47.78
N PRO C 119 0.94 11.95 -49.10
CA PRO C 119 0.00 11.27 -49.99
C PRO C 119 0.43 9.83 -50.23
N PRO C 120 -0.41 9.02 -50.86
CA PRO C 120 -0.03 7.63 -51.15
C PRO C 120 1.14 7.56 -52.12
N SER C 121 1.96 6.52 -51.94
CA SER C 121 3.11 6.28 -52.79
C SER C 121 2.68 5.61 -54.10
N SER C 122 3.58 5.68 -55.09
CA SER C 122 3.31 5.04 -56.37
C SER C 122 3.29 3.51 -56.25
N GLU C 123 4.05 2.95 -55.32
CA GLU C 123 4.06 1.51 -55.14
C GLU C 123 2.69 1.00 -54.68
N GLN C 124 2.06 1.72 -53.76
CA GLN C 124 0.76 1.29 -53.27
C GLN C 124 -0.31 1.55 -54.31
N LEU C 125 -0.25 2.69 -55.01
CA LEU C 125 -1.22 2.94 -56.05
C LEU C 125 -1.10 1.88 -57.14
N THR C 126 0.12 1.43 -57.40
CA THR C 126 0.36 0.34 -58.34
C THR C 126 -0.24 -0.96 -57.83
N SER C 127 -0.26 -1.15 -56.51
CA SER C 127 -0.84 -2.35 -55.94
C SER C 127 -2.35 -2.32 -55.86
N GLY C 128 -2.96 -1.15 -56.06
CA GLY C 128 -4.40 -0.99 -56.00
C GLY C 128 -4.92 -0.37 -54.72
N GLY C 129 -4.03 0.05 -53.82
CA GLY C 129 -4.39 0.69 -52.58
C GLY C 129 -3.96 2.15 -52.60
N ALA C 130 -4.39 2.88 -51.57
CA ALA C 130 -4.05 4.28 -51.47
C ALA C 130 -4.16 4.67 -50.00
N SER C 131 -3.02 4.88 -49.35
CA SER C 131 -2.99 5.27 -47.95
C SER C 131 -2.44 6.68 -47.82
N VAL C 132 -3.11 7.49 -47.01
CA VAL C 132 -2.66 8.85 -46.70
C VAL C 132 -2.24 8.85 -45.25
N VAL C 133 -1.06 9.41 -44.96
CA VAL C 133 -0.49 9.31 -43.63
C VAL C 133 -0.32 10.70 -43.05
N CYS C 134 -0.62 10.83 -41.75
CA CYS C 134 -0.42 12.08 -41.03
C CYS C 134 0.37 11.79 -39.77
N PHE C 135 1.53 12.42 -39.66
CA PHE C 135 2.39 12.33 -38.49
C PHE C 135 2.18 13.54 -37.60
N LEU C 136 2.10 13.29 -36.29
CA LEU C 136 1.90 14.32 -35.27
C LEU C 136 3.01 14.10 -34.24
N ASN C 137 4.05 14.93 -34.28
CA ASN C 137 5.26 14.64 -33.53
C ASN C 137 5.47 15.68 -32.42
N ASN C 138 5.90 15.19 -31.26
CA ASN C 138 6.43 16.03 -30.18
C ASN C 138 5.39 17.03 -29.68
N PHE C 139 4.28 16.50 -29.19
CA PHE C 139 3.25 17.33 -28.57
C PHE C 139 3.07 16.95 -27.11
N TYR C 140 2.49 17.89 -26.35
CA TYR C 140 2.19 17.71 -24.94
C TYR C 140 1.08 18.68 -24.58
N PRO C 141 0.05 18.26 -23.82
CA PRO C 141 -0.16 16.93 -23.22
C PRO C 141 -0.60 15.89 -24.25
N LYS C 142 -0.82 14.65 -23.81
CA LYS C 142 -1.12 13.57 -24.74
C LYS C 142 -2.51 13.70 -25.36
N ASP C 143 -3.38 14.49 -24.76
CA ASP C 143 -4.75 14.64 -25.26
C ASP C 143 -4.74 15.40 -26.57
N ILE C 144 -5.27 14.78 -27.63
CA ILE C 144 -5.28 15.38 -28.95
C ILE C 144 -6.43 14.74 -29.71
N ASN C 145 -6.88 15.39 -30.77
CA ASN C 145 -7.96 14.84 -31.58
C ASN C 145 -7.69 15.27 -33.02
N VAL C 146 -7.88 14.33 -33.94
CA VAL C 146 -7.58 14.51 -35.35
C VAL C 146 -8.83 14.18 -36.16
N LYS C 147 -9.15 15.04 -37.12
CA LYS C 147 -10.26 14.79 -38.02
C LYS C 147 -9.73 14.75 -39.45
N TRP C 148 -10.26 13.84 -40.25
CA TRP C 148 -9.93 13.69 -41.67
C TRP C 148 -10.98 14.24 -42.64
N LYS C 149 -11.56 15.41 -42.37
CA LYS C 149 -12.56 15.96 -43.29
C LYS C 149 -12.00 15.97 -44.71
N ILE C 150 -12.77 15.40 -45.64
CA ILE C 150 -12.38 15.35 -47.05
C ILE C 150 -13.38 16.12 -47.90
N ASP C 151 -12.92 17.22 -48.49
CA ASP C 151 -13.76 18.11 -49.30
C ASP C 151 -14.97 18.62 -48.53
N GLY C 152 -14.85 18.80 -47.23
CA GLY C 152 -15.94 19.30 -46.43
C GLY C 152 -16.81 18.21 -45.84
N SER C 153 -16.62 16.96 -46.28
CA SER C 153 -17.40 15.81 -45.85
C SER C 153 -16.59 14.98 -44.86
N GLU C 154 -17.26 14.52 -43.81
CA GLU C 154 -16.60 13.72 -42.80
C GLU C 154 -16.20 12.36 -43.39
N ARG C 155 -15.04 11.87 -42.96
CA ARG C 155 -14.52 10.58 -43.40
C ARG C 155 -14.08 9.75 -42.20
N GLN C 156 -14.96 9.64 -41.20
CA GLN C 156 -14.64 8.88 -40.00
C GLN C 156 -14.36 7.41 -40.33
N ASN C 157 -15.00 6.89 -41.37
CA ASN C 157 -14.82 5.49 -41.74
C ASN C 157 -13.47 5.29 -42.39
N GLY C 158 -12.83 4.15 -42.08
CA GLY C 158 -11.54 3.85 -42.66
C GLY C 158 -10.37 4.52 -42.00
N VAL C 159 -10.52 5.00 -40.76
CA VAL C 159 -9.45 5.69 -40.06
C VAL C 159 -8.84 4.74 -39.04
N LEU C 160 -7.52 4.74 -38.96
CA LEU C 160 -6.78 3.93 -37.99
C LEU C 160 -5.81 4.85 -37.24
N ASN C 161 -5.90 4.85 -35.91
CA ASN C 161 -5.09 5.71 -35.09
C ASN C 161 -4.19 4.88 -34.18
N SER C 162 -3.01 5.41 -33.91
CA SER C 162 -2.04 4.74 -33.07
C SER C 162 -1.21 5.78 -32.33
N TRP C 163 -0.96 5.54 -31.06
CA TRP C 163 -0.21 6.46 -30.21
C TRP C 163 1.01 5.76 -29.65
N THR C 164 2.10 6.49 -29.51
CA THR C 164 3.29 5.98 -28.85
C THR C 164 3.20 6.27 -27.35
N ASP C 165 4.07 5.61 -26.59
CA ASP C 165 4.22 5.94 -25.19
C ASP C 165 5.08 7.19 -25.04
N GLN C 166 5.24 7.63 -23.79
CA GLN C 166 6.00 8.84 -23.52
C GLN C 166 7.46 8.68 -23.94
N ASP C 167 7.96 9.67 -24.67
CA ASP C 167 9.34 9.63 -25.14
C ASP C 167 10.31 9.66 -23.96
N SER C 168 11.32 8.79 -24.02
CA SER C 168 12.28 8.71 -22.93
C SER C 168 13.31 9.84 -22.96
N LYS C 169 13.30 10.69 -23.98
CA LYS C 169 14.28 11.75 -24.11
C LYS C 169 13.69 13.14 -23.85
N ASP C 170 12.54 13.45 -24.43
CA ASP C 170 11.90 14.75 -24.22
C ASP C 170 10.53 14.67 -23.58
N SER C 171 10.07 13.48 -23.19
CA SER C 171 8.81 13.28 -22.45
C SER C 171 7.58 13.78 -23.21
N THR C 172 7.60 13.70 -24.54
CA THR C 172 6.46 14.09 -25.36
C THR C 172 5.83 12.86 -25.97
N TYR C 173 4.75 13.08 -26.73
CA TYR C 173 4.03 11.99 -27.37
C TYR C 173 3.92 12.26 -28.86
N SER C 174 3.71 11.19 -29.62
CA SER C 174 3.58 11.24 -31.07
C SER C 174 2.47 10.30 -31.50
N MET C 175 1.91 10.56 -32.68
CA MET C 175 0.79 9.77 -33.15
C MET C 175 0.83 9.73 -34.67
N SER C 176 0.46 8.60 -35.25
CA SER C 176 0.38 8.44 -36.69
C SER C 176 -1.01 7.96 -37.08
N SER C 177 -1.53 8.53 -38.16
CA SER C 177 -2.85 8.16 -38.64
C SER C 177 -2.77 7.83 -40.12
N THR C 178 -3.26 6.65 -40.48
CA THR C 178 -3.20 6.15 -41.86
C THR C 178 -4.62 5.85 -42.34
N LEU C 179 -5.05 6.57 -43.37
CA LEU C 179 -6.34 6.35 -44.01
C LEU C 179 -6.15 5.54 -45.29
N THR C 180 -6.67 4.32 -45.31
CA THR C 180 -6.51 3.40 -46.42
C THR C 180 -7.79 3.37 -47.23
N LEU C 181 -7.68 3.64 -48.53
CA LEU C 181 -8.79 3.61 -49.47
C LEU C 181 -8.41 2.80 -50.72
N THR C 182 -9.43 2.53 -51.52
CA THR C 182 -9.29 1.98 -52.85
C THR C 182 -8.93 3.09 -53.83
N LYS C 183 -8.38 2.71 -54.99
CA LYS C 183 -7.99 3.72 -55.98
C LYS C 183 -9.19 4.49 -56.50
N ASP C 184 -10.32 3.83 -56.71
CA ASP C 184 -11.51 4.55 -57.16
C ASP C 184 -11.95 5.58 -56.14
N GLU C 185 -11.94 5.20 -54.85
CA GLU C 185 -12.35 6.16 -53.82
C GLU C 185 -11.34 7.28 -53.72
N TYR C 186 -10.05 6.96 -53.84
CA TYR C 186 -9.05 8.01 -53.75
C TYR C 186 -9.23 9.00 -54.90
N GLU C 187 -9.59 8.48 -56.08
CA GLU C 187 -9.77 9.28 -57.28
C GLU C 187 -11.12 9.99 -57.31
N ARG C 188 -11.98 9.77 -56.32
CA ARG C 188 -13.30 10.38 -56.30
C ARG C 188 -13.38 11.60 -55.40
N HIS C 189 -12.25 12.09 -54.87
CA HIS C 189 -12.25 13.27 -54.03
C HIS C 189 -11.04 14.12 -54.35
N ASN C 190 -11.06 15.37 -53.86
CA ASN C 190 -10.03 16.35 -54.17
C ASN C 190 -9.13 16.65 -52.98
N SER C 191 -9.64 17.35 -51.98
CA SER C 191 -8.84 17.85 -50.86
C SER C 191 -8.69 16.81 -49.76
N TYR C 192 -7.50 16.72 -49.21
CA TYR C 192 -7.24 15.83 -48.07
C TYR C 192 -6.58 16.64 -46.99
N THR C 193 -7.20 16.66 -45.80
CA THR C 193 -6.84 17.57 -44.72
C THR C 193 -6.64 16.77 -43.44
N CYS C 194 -5.60 17.08 -42.68
CA CYS C 194 -5.41 16.43 -41.39
C CYS C 194 -5.49 17.46 -40.26
N GLU C 195 -6.55 18.26 -40.23
CA GLU C 195 -6.66 19.35 -39.27
C GLU C 195 -6.54 18.80 -37.84
N ALA C 196 -5.64 19.41 -37.06
CA ALA C 196 -5.32 18.95 -35.72
C ALA C 196 -5.76 20.00 -34.70
N THR C 197 -6.69 19.61 -33.84
CA THR C 197 -7.20 20.45 -32.75
C THR C 197 -6.54 20.06 -31.45
N HIS C 198 -5.84 21.01 -30.82
CA HIS C 198 -5.11 20.79 -29.58
C HIS C 198 -5.30 21.98 -28.67
N LYS C 199 -5.15 21.73 -27.36
CA LYS C 199 -5.36 22.78 -26.37
C LYS C 199 -4.30 23.88 -26.43
N THR C 200 -3.16 23.61 -27.07
CA THR C 200 -2.11 24.62 -27.16
C THR C 200 -2.43 25.71 -28.17
N SER C 201 -3.51 25.57 -28.94
CA SER C 201 -3.88 26.52 -29.97
C SER C 201 -5.39 26.69 -29.93
N THR C 202 -5.87 27.93 -29.88
CA THR C 202 -7.31 28.15 -29.89
C THR C 202 -7.92 27.72 -31.22
N SER C 203 -7.21 27.92 -32.31
CA SER C 203 -7.71 27.41 -33.57
C SER C 203 -6.87 26.23 -34.02
N PRO C 204 -7.46 25.22 -34.66
CA PRO C 204 -6.68 24.03 -35.01
C PRO C 204 -5.66 24.32 -36.09
N ILE C 205 -4.53 23.62 -36.02
CA ILE C 205 -3.52 23.69 -37.07
C ILE C 205 -3.98 22.81 -38.23
N VAL C 206 -4.00 23.38 -39.44
CA VAL C 206 -4.58 22.70 -40.60
C VAL C 206 -3.49 22.52 -41.63
N LYS C 207 -3.35 21.29 -42.13
CA LYS C 207 -2.46 20.96 -43.24
C LYS C 207 -3.20 20.09 -44.24
N SER C 208 -3.12 20.44 -45.53
CA SER C 208 -3.90 19.71 -46.52
C SER C 208 -3.20 19.76 -47.87
N PHE C 209 -3.61 18.84 -48.75
CA PHE C 209 -3.16 18.87 -50.13
C PHE C 209 -4.26 18.42 -51.08
N ASN C 210 -4.13 18.82 -52.34
CA ASN C 210 -5.08 18.47 -53.39
C ASN C 210 -4.35 17.63 -54.42
N ARG C 211 -4.91 16.47 -54.79
CA ARG C 211 -4.22 15.63 -55.76
C ARG C 211 -4.19 16.22 -57.16
N ASN C 212 -5.16 17.07 -57.52
CA ASN C 212 -5.19 17.66 -58.87
C ASN C 212 -4.06 18.65 -59.14
N GLU C 213 -3.53 19.32 -58.11
CA GLU C 213 -2.41 20.22 -58.35
C GLU C 213 -1.07 19.52 -58.51
N CYS C 214 -1.01 18.20 -58.32
CA CYS C 214 0.25 17.51 -58.50
C CYS C 214 0.09 16.27 -59.40
#